data_8VDX
#
_entry.id   8VDX
#
_cell.length_a   55.677
_cell.length_b   105.270
_cell.length_c   199.445
_cell.angle_alpha   90.000
_cell.angle_beta   90.000
_cell.angle_gamma   90.000
#
_symmetry.space_group_name_H-M   'P 21 21 21'
#
loop_
_entity.id
_entity.type
_entity.pdbx_description
1 polymer 'bacterial extracellular solute-binding protein'
2 non-polymer GLYCEROL
3 non-polymer 'ACETATE ION'
4 non-polymer 'TRIETHYLENE GLYCOL'
5 non-polymer 'TETRAETHYLENE GLYCOL'
6 water water
#
_entity_poly.entity_id   1
_entity_poly.type   'polypeptide(L)'
_entity_poly.pdbx_seq_one_letter_code
;APGKSAFRWVPQADLALLDPMFTTVAMTQVHAQLVFDTLFGLDSQYLPSPQMAAGHTSENDGLLWKITLRDGLAFHDGSP
VRAQDAVASIKRWSKRDLMGRSLMQATESLTALDDKTIQFKLSKPFPLILHALGRQSGNMACIMPERLASQPETEAVKEM
VGSGPFTFAAAKWVSGSRVVYEKFAGYVPRKDDRKPDFAAGPKIAHVDEVHWHIIPDRATAIAALQANEVDGVEMVDSDF
LPILTQDPNIKLVKRSLPTIGVMRFNHLHAPFNNVEIRRAVLSVVNQTEYMTAMNGADFPEYWSDRCGVFVPGSPMDSDA
GMEKLTGKRDIEKARAAIKAAGYNGEKVVLLDPVDFPTWHAAALVTADLFKRLGFNVDLQTMDWGTAVQRRNNQEPVSAG
GWSVAFTGNTGPNNLDPAGHLPMRGNGKQAWFGWPTSERLEQLRIDWFNAPDLDAQKKICREIQLQVFEDVPYIPLGATY
PVSALRSEWKDFQPQMSLFYTLHKA
;
_entity_poly.pdbx_strand_id   A,B
#
# COMPACT_ATOMS: atom_id res chain seq x y z
N GLY A 3 15.77 18.81 22.05
CA GLY A 3 16.50 17.65 22.51
C GLY A 3 16.98 16.74 21.38
N LYS A 4 16.24 16.76 20.27
CA LYS A 4 16.59 15.94 19.12
C LYS A 4 17.88 16.44 18.48
N SER A 5 18.80 15.52 18.22
CA SER A 5 20.00 15.84 17.47
C SER A 5 19.69 15.88 15.98
N ALA A 6 20.29 16.82 15.27
CA ALA A 6 20.02 16.99 13.86
C ALA A 6 21.31 17.24 13.10
N PHE A 7 21.36 16.75 11.87
CA PHE A 7 22.43 17.04 10.94
C PHE A 7 21.88 17.93 9.83
N ARG A 8 22.46 19.12 9.70
CA ARG A 8 22.01 20.13 8.74
C ARG A 8 22.87 20.06 7.48
N TRP A 9 22.23 19.78 6.34
CA TRP A 9 22.91 19.40 5.12
C TRP A 9 22.51 20.34 3.98
N VAL A 10 23.50 20.83 3.24
CA VAL A 10 23.22 21.64 2.06
C VAL A 10 23.45 20.76 0.83
N PRO A 11 22.39 20.26 0.20
CA PRO A 11 22.57 19.42 -0.98
C PRO A 11 23.01 20.24 -2.18
N GLN A 12 23.58 19.54 -3.17
CA GLN A 12 24.06 20.25 -4.35
C GLN A 12 22.91 20.74 -5.23
N ALA A 13 21.72 20.17 -5.06
CA ALA A 13 20.53 20.63 -5.76
C ALA A 13 19.32 20.31 -4.91
N ASP A 14 18.18 20.87 -5.30
CA ASP A 14 16.94 20.60 -4.58
C ASP A 14 16.43 19.20 -4.91
N LEU A 15 15.60 18.67 -4.01
CA LEU A 15 14.94 17.39 -4.24
C LEU A 15 13.63 17.65 -5.00
N ALA A 16 13.48 16.99 -6.14
CA ALA A 16 12.32 17.19 -7.00
C ALA A 16 11.46 15.94 -7.17
N LEU A 17 12.05 14.75 -7.20
CA LEU A 17 11.32 13.51 -7.35
C LEU A 17 11.71 12.56 -6.24
N LEU A 18 10.74 11.75 -5.79
CA LEU A 18 10.95 10.88 -4.64
C LEU A 18 11.16 9.42 -5.01
N ASP A 19 10.80 9.00 -6.22
CA ASP A 19 10.81 7.60 -6.60
C ASP A 19 12.20 7.22 -7.12
N PRO A 20 12.95 6.39 -6.40
CA PRO A 20 14.32 6.04 -6.87
C PRO A 20 14.33 5.14 -8.08
N MET A 21 13.24 4.41 -8.34
CA MET A 21 13.16 3.60 -9.55
C MET A 21 12.79 4.41 -10.78
N PHE A 22 12.21 5.60 -10.58
CA PHE A 22 11.66 6.37 -11.67
C PHE A 22 12.71 7.22 -12.36
N THR A 23 13.67 7.75 -11.60
CA THR A 23 14.66 8.67 -12.15
C THR A 23 16.03 8.37 -11.57
N THR A 24 17.06 8.68 -12.35
CA THR A 24 18.44 8.49 -11.92
C THR A 24 19.08 9.77 -11.40
N VAL A 25 18.32 10.86 -11.28
CA VAL A 25 18.91 12.13 -10.90
C VAL A 25 19.50 12.02 -9.49
N ALA A 26 20.60 12.75 -9.28
CA ALA A 26 21.47 12.51 -8.12
C ALA A 26 20.73 12.69 -6.81
N MET A 27 19.95 13.76 -6.68
CA MET A 27 19.35 14.06 -5.37
C MET A 27 18.29 13.03 -4.99
N THR A 28 17.61 12.45 -5.97
CA THR A 28 16.66 11.38 -5.66
C THR A 28 17.38 10.14 -5.13
N GLN A 29 18.56 9.85 -5.66
N GLN A 29 18.56 9.84 -5.66
CA GLN A 29 19.31 8.69 -5.19
CA GLN A 29 19.31 8.69 -5.18
C GLN A 29 19.86 8.91 -3.79
C GLN A 29 19.86 8.91 -3.77
N VAL A 30 20.24 10.15 -3.44
CA VAL A 30 20.67 10.44 -2.08
C VAL A 30 19.49 10.31 -1.13
N HIS A 31 18.35 10.90 -1.50
CA HIS A 31 17.11 10.72 -0.77
C HIS A 31 16.79 9.25 -0.56
N ALA A 32 17.02 8.42 -1.59
CA ALA A 32 16.70 7.00 -1.51
C ALA A 32 17.53 6.29 -0.45
N GLN A 33 18.79 6.68 -0.27
CA GLN A 33 19.64 6.03 0.72
C GLN A 33 19.27 6.41 2.15
N LEU A 34 18.47 7.46 2.35
CA LEU A 34 17.95 7.73 3.68
C LEU A 34 16.75 6.85 3.98
N VAL A 35 15.86 6.70 3.01
CA VAL A 35 14.53 6.14 3.25
C VAL A 35 14.47 4.63 3.00
N PHE A 36 15.22 4.13 2.02
CA PHE A 36 15.09 2.75 1.59
C PHE A 36 16.32 1.93 1.98
N ASP A 37 16.24 0.63 1.69
CA ASP A 37 17.29 -0.33 1.97
C ASP A 37 17.35 -1.30 0.80
N THR A 38 18.42 -2.10 0.74
CA THR A 38 18.64 -3.00 -0.38
C THR A 38 18.98 -4.40 0.12
N LEU A 39 18.73 -5.39 -0.73
CA LEU A 39 19.01 -6.78 -0.37
C LEU A 39 20.49 -6.99 -0.10
N PHE A 40 21.35 -6.38 -0.92
CA PHE A 40 22.78 -6.45 -0.75
C PHE A 40 23.36 -5.06 -0.77
N GLY A 41 24.44 -4.87 0.01
CA GLY A 41 25.17 -3.63 0.05
C GLY A 41 26.51 -3.78 -0.65
N LEU A 42 27.13 -2.64 -0.92
CA LEU A 42 28.48 -2.60 -1.48
C LEU A 42 29.42 -2.00 -0.45
N ASP A 43 30.65 -2.52 -0.38
CA ASP A 43 31.65 -1.97 0.50
C ASP A 43 32.55 -1.01 -0.28
N SER A 44 33.68 -0.63 0.32
CA SER A 44 34.58 0.32 -0.32
C SER A 44 35.29 -0.27 -1.54
N GLN A 45 35.26 -1.58 -1.72
CA GLN A 45 35.73 -2.23 -2.94
C GLN A 45 34.59 -2.47 -3.93
N TYR A 46 33.40 -1.97 -3.62
CA TYR A 46 32.22 -2.07 -4.50
C TYR A 46 31.83 -3.52 -4.75
N LEU A 47 32.12 -4.41 -3.77
CA LEU A 47 31.73 -5.80 -3.82
C LEU A 47 30.47 -6.03 -2.98
N PRO A 48 29.61 -6.96 -3.39
CA PRO A 48 28.34 -7.15 -2.70
C PRO A 48 28.46 -8.00 -1.45
N SER A 49 27.62 -7.67 -0.47
CA SER A 49 27.52 -8.40 0.77
C SER A 49 26.09 -8.29 1.27
N PRO A 50 25.62 -9.23 2.08
CA PRO A 50 24.24 -9.18 2.56
C PRO A 50 23.95 -7.91 3.34
N GLN A 51 22.82 -7.28 3.01
CA GLN A 51 22.36 -6.12 3.77
C GLN A 51 21.00 -6.43 4.39
N MET A 52 19.92 -6.29 3.61
CA MET A 52 18.63 -6.78 4.07
C MET A 52 18.59 -8.31 4.05
N ALA A 53 19.35 -8.93 3.17
CA ALA A 53 19.41 -10.38 3.12
C ALA A 53 20.27 -10.92 4.26
N ALA A 54 19.96 -12.14 4.68
CA ALA A 54 20.85 -12.85 5.60
C ALA A 54 21.89 -13.67 4.85
N GLY A 55 21.53 -14.19 3.68
CA GLY A 55 22.46 -14.98 2.91
C GLY A 55 21.84 -15.38 1.59
N HIS A 56 22.55 -16.26 0.89
CA HIS A 56 22.12 -16.71 -0.43
C HIS A 56 22.69 -18.10 -0.69
N THR A 57 22.07 -18.81 -1.63
CA THR A 57 22.59 -20.07 -2.11
C THR A 57 22.47 -20.12 -3.62
N SER A 58 23.42 -20.79 -4.26
CA SER A 58 23.43 -21.00 -5.70
C SER A 58 23.46 -22.50 -5.98
N GLU A 59 22.50 -22.97 -6.77
CA GLU A 59 22.40 -24.39 -7.08
C GLU A 59 22.01 -24.56 -8.54
N ASN A 60 22.00 -25.82 -8.99
CA ASN A 60 21.64 -26.19 -10.36
C ASN A 60 22.54 -25.48 -11.37
N ASP A 61 23.85 -25.55 -11.13
CA ASP A 61 24.87 -25.00 -12.03
C ASP A 61 24.63 -23.49 -12.27
N GLY A 62 24.34 -22.78 -11.19
CA GLY A 62 24.16 -21.34 -11.28
C GLY A 62 22.90 -20.91 -11.98
N LEU A 63 21.89 -21.78 -12.08
CA LEU A 63 20.62 -21.43 -12.70
C LEU A 63 19.50 -21.27 -11.68
N LEU A 64 19.78 -21.47 -10.39
CA LEU A 64 18.76 -21.36 -9.35
C LEU A 64 19.37 -20.67 -8.14
N TRP A 65 18.85 -19.49 -7.81
CA TRP A 65 19.35 -18.68 -6.71
C TRP A 65 18.26 -18.50 -5.66
N LYS A 66 18.62 -18.70 -4.40
CA LYS A 66 17.72 -18.47 -3.29
C LYS A 66 18.32 -17.43 -2.36
N ILE A 67 17.54 -16.40 -2.03
CA ILE A 67 17.97 -15.32 -1.15
C ILE A 67 17.01 -15.23 0.02
N THR A 68 17.55 -15.20 1.23
CA THR A 68 16.76 -15.20 2.45
C THR A 68 16.89 -13.86 3.16
N LEU A 69 15.77 -13.29 3.57
CA LEU A 69 15.76 -12.06 4.33
C LEU A 69 16.19 -12.32 5.77
N ARG A 70 16.87 -11.34 6.36
CA ARG A 70 17.24 -11.43 7.75
C ARG A 70 16.06 -11.06 8.65
N ASP A 71 16.21 -11.32 9.95
CA ASP A 71 15.15 -11.04 10.90
C ASP A 71 15.15 -9.57 11.30
N GLY A 72 13.95 -9.06 11.59
CA GLY A 72 13.81 -7.72 12.11
C GLY A 72 13.59 -6.63 11.09
N LEU A 73 13.36 -6.98 9.83
CA LEU A 73 13.08 -5.99 8.80
C LEU A 73 11.66 -5.47 8.93
N ALA A 74 11.48 -4.17 8.77
CA ALA A 74 10.17 -3.56 8.93
C ALA A 74 10.06 -2.31 8.07
N PHE A 75 8.91 -2.13 7.44
CA PHE A 75 8.61 -0.88 6.76
C PHE A 75 8.24 0.20 7.77
N HIS A 76 8.25 1.45 7.31
CA HIS A 76 8.05 2.58 8.21
C HIS A 76 6.64 2.64 8.78
N ASP A 77 5.70 1.91 8.21
CA ASP A 77 4.36 1.82 8.78
C ASP A 77 4.24 0.73 9.84
N GLY A 78 5.33 0.01 10.11
CA GLY A 78 5.34 -1.05 11.10
C GLY A 78 5.20 -2.45 10.54
N SER A 79 4.70 -2.58 9.31
CA SER A 79 4.54 -3.91 8.73
C SER A 79 5.90 -4.51 8.42
N PRO A 80 6.07 -5.82 8.63
CA PRO A 80 7.36 -6.45 8.33
C PRO A 80 7.60 -6.56 6.84
N VAL A 81 8.87 -6.59 6.46
CA VAL A 81 9.25 -6.81 5.06
C VAL A 81 9.20 -8.29 4.77
N ARG A 82 8.48 -8.66 3.71
N ARG A 82 8.50 -8.66 3.70
CA ARG A 82 8.34 -10.03 3.26
CA ARG A 82 8.39 -10.05 3.29
C ARG A 82 9.04 -10.21 1.92
C ARG A 82 8.89 -10.22 1.86
N ALA A 83 9.17 -11.47 1.49
CA ALA A 83 9.76 -11.76 0.20
C ALA A 83 8.89 -11.30 -0.95
N GLN A 84 7.56 -11.28 -0.77
CA GLN A 84 6.67 -10.81 -1.82
C GLN A 84 6.87 -9.34 -2.12
N ASP A 85 7.20 -8.54 -1.10
CA ASP A 85 7.52 -7.14 -1.33
C ASP A 85 8.81 -6.99 -2.13
N ALA A 86 9.82 -7.79 -1.80
CA ALA A 86 11.07 -7.73 -2.55
C ALA A 86 10.88 -8.14 -3.99
N VAL A 87 10.08 -9.19 -4.23
CA VAL A 87 9.85 -9.66 -5.60
C VAL A 87 9.17 -8.57 -6.42
N ALA A 88 8.14 -7.94 -5.87
CA ALA A 88 7.45 -6.86 -6.59
C ALA A 88 8.38 -5.67 -6.80
N SER A 89 9.23 -5.37 -5.82
CA SER A 89 10.16 -4.25 -5.97
C SER A 89 11.19 -4.51 -7.06
N ILE A 90 11.74 -5.73 -7.10
CA ILE A 90 12.75 -6.06 -8.10
C ILE A 90 12.17 -6.00 -9.51
N LYS A 91 10.94 -6.50 -9.67
CA LYS A 91 10.32 -6.48 -11.00
C LYS A 91 10.10 -5.06 -11.49
N ARG A 92 9.65 -4.15 -10.60
CA ARG A 92 9.47 -2.76 -11.01
C ARG A 92 10.81 -2.08 -11.23
N TRP A 93 11.77 -2.30 -10.32
CA TRP A 93 13.09 -1.68 -10.44
C TRP A 93 13.78 -2.10 -11.72
N SER A 94 13.57 -3.33 -12.16
CA SER A 94 14.25 -3.84 -13.36
C SER A 94 13.67 -3.26 -14.65
N LYS A 95 12.61 -2.46 -14.58
CA LYS A 95 12.04 -1.90 -15.80
C LYS A 95 12.90 -0.78 -16.36
N ARG A 96 13.52 0.02 -15.48
CA ARG A 96 14.32 1.15 -15.90
C ARG A 96 15.80 1.02 -15.58
N ASP A 97 16.19 0.20 -14.61
CA ASP A 97 17.59 0.05 -14.27
C ASP A 97 18.29 -0.83 -15.31
N LEU A 98 19.46 -0.38 -15.79
CA LEU A 98 20.19 -1.13 -16.80
C LEU A 98 20.59 -2.51 -16.30
N MET A 99 21.11 -2.58 -15.07
CA MET A 99 21.58 -3.85 -14.53
C MET A 99 20.41 -4.77 -14.21
N GLY A 100 19.35 -4.23 -13.60
CA GLY A 100 18.17 -5.04 -13.34
C GLY A 100 17.53 -5.54 -14.62
N ARG A 101 17.59 -4.76 -15.70
CA ARG A 101 17.07 -5.21 -16.98
C ARG A 101 17.85 -6.41 -17.50
N SER A 102 19.18 -6.39 -17.35
CA SER A 102 19.98 -7.53 -17.79
C SER A 102 19.71 -8.76 -16.93
N LEU A 103 19.48 -8.56 -15.64
CA LEU A 103 19.20 -9.68 -14.75
C LEU A 103 17.90 -10.39 -15.12
N MET A 104 16.83 -9.61 -15.34
CA MET A 104 15.55 -10.23 -15.65
C MET A 104 15.49 -10.81 -17.06
N GLN A 105 16.33 -10.32 -17.98
CA GLN A 105 16.45 -10.96 -19.28
C GLN A 105 16.99 -12.37 -19.17
N ALA A 106 17.69 -12.68 -18.08
CA ALA A 106 18.22 -14.02 -17.83
C ALA A 106 17.40 -14.79 -16.82
N THR A 107 16.25 -14.26 -16.40
CA THR A 107 15.43 -14.86 -15.35
C THR A 107 14.20 -15.50 -15.96
N GLU A 108 14.02 -16.80 -15.74
CA GLU A 108 12.81 -17.48 -16.16
C GLU A 108 11.63 -17.12 -15.27
N SER A 109 11.81 -17.19 -13.95
CA SER A 109 10.77 -16.85 -13.00
C SER A 109 11.39 -16.26 -11.75
N LEU A 110 10.75 -15.23 -11.21
CA LEU A 110 11.14 -14.63 -9.94
C LEU A 110 9.94 -14.72 -9.00
N THR A 111 10.04 -15.60 -8.00
CA THR A 111 8.93 -15.89 -7.10
C THR A 111 9.40 -15.88 -5.65
N ALA A 112 8.44 -15.73 -4.75
CA ALA A 112 8.68 -15.85 -3.32
C ALA A 112 8.24 -17.23 -2.88
N LEU A 113 9.17 -18.01 -2.30
CA LEU A 113 8.84 -19.36 -1.87
C LEU A 113 8.01 -19.32 -0.60
N ASP A 114 8.46 -18.59 0.41
CA ASP A 114 7.63 -18.22 1.55
C ASP A 114 7.76 -16.71 1.66
N ASP A 115 7.37 -16.15 2.81
CA ASP A 115 7.50 -14.70 2.98
C ASP A 115 8.90 -14.29 3.43
N LYS A 116 9.88 -15.18 3.30
CA LYS A 116 11.25 -14.89 3.72
C LYS A 116 12.31 -15.30 2.70
N THR A 117 11.95 -16.10 1.69
CA THR A 117 12.91 -16.63 0.73
C THR A 117 12.52 -16.17 -0.68
N ILE A 118 13.47 -15.57 -1.38
CA ILE A 118 13.32 -15.16 -2.77
C ILE A 118 14.00 -16.20 -3.64
N GLN A 119 13.38 -16.52 -4.78
CA GLN A 119 13.93 -17.53 -5.69
C GLN A 119 14.05 -16.97 -7.09
N PHE A 120 15.26 -17.03 -7.64
CA PHE A 120 15.52 -16.69 -9.03
C PHE A 120 15.73 -17.97 -9.83
N LYS A 121 14.88 -18.20 -10.83
CA LYS A 121 15.06 -19.29 -11.78
C LYS A 121 15.59 -18.68 -13.07
N LEU A 122 16.83 -19.03 -13.43
CA LEU A 122 17.53 -18.36 -14.52
C LEU A 122 17.50 -19.21 -15.79
N SER A 123 17.38 -18.53 -16.93
CA SER A 123 17.53 -19.20 -18.22
C SER A 123 18.98 -19.55 -18.47
N LYS A 124 19.86 -18.56 -18.38
CA LYS A 124 21.30 -18.70 -18.47
C LYS A 124 21.93 -18.18 -17.18
N PRO A 125 23.16 -18.58 -16.88
CA PRO A 125 23.80 -18.06 -15.66
C PRO A 125 23.97 -16.55 -15.71
N PHE A 126 23.83 -15.92 -14.55
CA PHE A 126 24.00 -14.48 -14.40
C PHE A 126 24.80 -14.22 -13.13
N PRO A 127 26.12 -14.37 -13.20
CA PRO A 127 26.93 -14.27 -11.97
C PRO A 127 26.90 -12.91 -11.31
N LEU A 128 26.46 -11.86 -12.00
CA LEU A 128 26.36 -10.52 -11.44
C LEU A 128 25.05 -10.29 -10.70
N ILE A 129 24.33 -11.35 -10.33
CA ILE A 129 23.02 -11.20 -9.71
C ILE A 129 23.13 -10.44 -8.39
N LEU A 130 24.14 -10.77 -7.57
CA LEU A 130 24.29 -10.08 -6.30
C LEU A 130 24.80 -8.64 -6.50
N HIS A 131 25.64 -8.43 -7.51
CA HIS A 131 26.01 -7.08 -7.90
C HIS A 131 24.79 -6.28 -8.32
N ALA A 132 23.89 -6.91 -9.08
CA ALA A 132 22.66 -6.24 -9.50
C ALA A 132 21.79 -5.87 -8.32
N LEU A 133 21.49 -6.84 -7.46
CA LEU A 133 20.65 -6.59 -6.30
C LEU A 133 21.35 -5.78 -5.22
N GLY A 134 22.63 -5.48 -5.40
CA GLY A 134 23.38 -4.60 -4.53
C GLY A 134 23.56 -3.20 -5.08
N ARG A 135 22.85 -2.82 -6.13
CA ARG A 135 23.02 -1.51 -6.70
C ARG A 135 22.58 -0.43 -5.72
N GLN A 136 23.44 0.57 -5.52
CA GLN A 136 23.19 1.61 -4.52
C GLN A 136 22.73 2.92 -5.12
N SER A 137 22.91 3.14 -6.43
N SER A 137 22.93 3.14 -6.42
CA SER A 137 22.53 4.39 -7.05
CA SER A 137 22.48 4.38 -7.04
C SER A 137 22.33 4.18 -8.54
C SER A 137 22.29 4.15 -8.53
N GLY A 138 21.34 4.89 -9.11
CA GLY A 138 21.06 4.86 -10.53
C GLY A 138 20.86 3.51 -11.20
N ASN A 139 19.88 2.72 -10.77
CA ASN A 139 18.95 3.07 -9.70
C ASN A 139 19.14 2.16 -8.50
N MET A 140 19.04 2.73 -7.30
CA MET A 140 19.10 1.93 -6.08
C MET A 140 18.06 0.81 -6.13
N ALA A 141 18.51 -0.41 -5.80
CA ALA A 141 17.63 -1.57 -5.78
C ALA A 141 16.79 -1.59 -4.50
N CYS A 142 15.98 -0.55 -4.36
CA CYS A 142 15.24 -0.32 -3.13
C CYS A 142 14.04 -1.24 -3.00
N ILE A 143 13.72 -1.60 -1.77
CA ILE A 143 12.60 -2.50 -1.47
C ILE A 143 11.44 -1.66 -0.92
N MET A 144 10.30 -1.75 -1.59
CA MET A 144 9.08 -1.07 -1.20
C MET A 144 7.99 -2.08 -0.87
N PRO A 145 6.95 -1.68 -0.14
CA PRO A 145 5.80 -2.56 0.05
C PRO A 145 5.17 -2.92 -1.28
N GLU A 146 4.59 -4.12 -1.34
CA GLU A 146 4.02 -4.61 -2.60
C GLU A 146 2.94 -3.67 -3.13
N ARG A 147 2.18 -3.02 -2.24
CA ARG A 147 1.11 -2.12 -2.71
C ARG A 147 1.68 -0.93 -3.46
N LEU A 148 2.91 -0.52 -3.15
CA LEU A 148 3.56 0.57 -3.86
C LEU A 148 4.41 0.07 -5.02
N ALA A 149 5.10 -1.05 -4.84
CA ALA A 149 5.90 -1.63 -5.91
C ALA A 149 5.05 -2.16 -7.06
N SER A 150 3.75 -2.31 -6.86
CA SER A 150 2.86 -2.76 -7.93
C SER A 150 2.43 -1.64 -8.86
N GLN A 151 2.73 -0.38 -8.52
CA GLN A 151 2.40 0.73 -9.40
C GLN A 151 3.17 0.60 -10.70
N PRO A 152 2.64 1.13 -11.81
CA PRO A 152 3.36 1.08 -13.07
C PRO A 152 4.70 1.81 -12.98
N GLU A 153 5.68 1.30 -13.73
CA GLU A 153 7.00 1.92 -13.74
C GLU A 153 7.00 3.31 -14.37
N THR A 154 5.95 3.65 -15.10
CA THR A 154 5.83 4.96 -15.73
C THR A 154 5.20 6.01 -14.84
N GLU A 155 4.69 5.62 -13.67
CA GLU A 155 4.07 6.54 -12.73
C GLU A 155 4.94 6.59 -11.47
N ALA A 156 5.51 7.76 -11.20
CA ALA A 156 6.42 7.90 -10.07
C ALA A 156 5.68 7.69 -8.75
N VAL A 157 6.28 6.90 -7.87
CA VAL A 157 5.70 6.67 -6.55
C VAL A 157 5.84 7.93 -5.72
N LYS A 158 4.74 8.38 -5.12
CA LYS A 158 4.71 9.59 -4.30
C LYS A 158 4.78 9.29 -2.81
N GLU A 159 4.13 8.23 -2.35
CA GLU A 159 4.14 7.87 -0.94
C GLU A 159 5.45 7.17 -0.59
N MET A 160 6.13 7.66 0.43
CA MET A 160 7.44 7.16 0.84
C MET A 160 7.27 6.21 2.01
N VAL A 161 7.24 4.92 1.71
CA VAL A 161 7.25 3.86 2.72
C VAL A 161 8.44 2.97 2.40
N GLY A 162 9.55 3.17 3.11
CA GLY A 162 10.71 2.32 2.98
C GLY A 162 10.96 1.51 4.23
N SER A 163 12.08 0.78 4.22
CA SER A 163 12.54 0.04 5.39
C SER A 163 13.90 0.55 5.88
N GLY A 164 14.39 1.66 5.34
CA GLY A 164 15.70 2.17 5.67
C GLY A 164 15.72 2.89 7.00
N PRO A 165 16.90 3.40 7.36
CA PRO A 165 17.11 3.93 8.71
C PRO A 165 16.44 5.27 8.98
N PHE A 166 15.90 5.94 7.96
CA PHE A 166 15.21 7.21 8.16
C PHE A 166 13.85 7.18 7.47
N THR A 167 12.89 7.86 8.08
CA THR A 167 11.58 8.07 7.48
C THR A 167 11.54 9.44 6.80
N PHE A 168 10.68 9.55 5.79
CA PHE A 168 10.50 10.78 5.04
C PHE A 168 9.36 11.58 5.65
N ALA A 169 9.64 12.80 6.12
CA ALA A 169 8.62 13.65 6.71
C ALA A 169 7.97 14.45 5.59
N ALA A 170 6.90 13.89 5.02
CA ALA A 170 6.28 14.48 3.83
C ALA A 170 5.76 15.88 4.11
N ALA A 171 5.24 16.11 5.31
CA ALA A 171 4.70 17.44 5.62
C ALA A 171 5.79 18.50 5.79
N LYS A 172 7.06 18.09 5.82
CA LYS A 172 8.17 19.02 5.96
C LYS A 172 8.97 19.17 4.67
N TRP A 173 8.53 18.56 3.58
CA TRP A 173 9.18 18.73 2.28
C TRP A 173 8.65 20.02 1.65
N VAL A 174 9.45 21.08 1.71
CA VAL A 174 9.07 22.39 1.20
C VAL A 174 10.01 22.73 0.05
N SER A 175 9.48 22.75 -1.16
CA SER A 175 10.29 22.95 -2.36
C SER A 175 11.09 24.24 -2.26
N GLY A 176 12.37 24.14 -2.62
CA GLY A 176 13.27 25.28 -2.59
C GLY A 176 13.72 25.70 -1.21
N SER A 177 13.38 24.95 -0.16
CA SER A 177 13.70 25.38 1.18
C SER A 177 14.18 24.26 2.09
N ARG A 178 13.37 23.21 2.27
CA ARG A 178 13.63 22.21 3.28
C ARG A 178 13.26 20.81 2.82
N VAL A 179 14.06 19.83 3.26
CA VAL A 179 13.68 18.42 3.28
C VAL A 179 14.07 17.88 4.65
N VAL A 180 13.21 17.07 5.25
CA VAL A 180 13.43 16.57 6.60
C VAL A 180 13.28 15.06 6.62
N TYR A 181 14.26 14.38 7.23
CA TYR A 181 14.25 12.95 7.45
C TYR A 181 14.37 12.70 8.94
N GLU A 182 13.65 11.71 9.44
CA GLU A 182 13.62 11.41 10.86
C GLU A 182 14.05 9.97 11.09
N LYS A 183 14.88 9.77 12.11
CA LYS A 183 15.40 8.44 12.40
C LYS A 183 14.26 7.46 12.59
N PHE A 184 14.33 6.35 11.87
CA PHE A 184 13.33 5.29 11.96
C PHE A 184 13.58 4.50 13.24
N ALA A 185 12.73 4.70 14.24
CA ALA A 185 12.91 4.05 15.53
C ALA A 185 12.81 2.54 15.41
N GLY A 186 12.02 2.05 14.46
CA GLY A 186 11.88 0.62 14.26
C GLY A 186 12.95 -0.04 13.43
N TYR A 187 13.99 0.67 13.03
CA TYR A 187 15.02 0.07 12.21
C TYR A 187 15.91 -0.82 13.07
N VAL A 188 16.09 -2.06 12.63
CA VAL A 188 17.00 -3.00 13.29
C VAL A 188 18.20 -3.20 12.37
N PRO A 189 19.37 -2.64 12.69
CA PRO A 189 20.54 -2.85 11.84
C PRO A 189 20.94 -4.31 11.81
N ARG A 190 21.57 -4.72 10.71
CA ARG A 190 22.05 -6.09 10.63
C ARG A 190 23.22 -6.29 11.60
N LYS A 191 23.65 -7.54 11.73
CA LYS A 191 24.64 -7.90 12.74
C LYS A 191 25.93 -7.10 12.54
N ASP A 192 26.56 -6.76 13.67
CA ASP A 192 27.79 -5.96 13.65
C ASP A 192 29.03 -6.82 13.46
N ASP A 193 29.03 -7.65 12.43
CA ASP A 193 30.15 -8.55 12.16
C ASP A 193 31.24 -7.92 11.30
N ARG A 194 31.03 -6.70 10.81
CA ARG A 194 32.05 -5.99 10.05
C ARG A 194 31.85 -4.50 10.23
N LYS A 195 32.93 -3.74 10.06
CA LYS A 195 32.85 -2.30 10.18
C LYS A 195 31.95 -1.73 9.08
N PRO A 196 31.07 -0.77 9.41
CA PRO A 196 30.30 -0.09 8.37
C PRO A 196 31.24 0.49 7.31
N ASP A 197 30.93 0.21 6.04
CA ASP A 197 31.82 0.57 4.94
C ASP A 197 30.96 0.76 3.70
N PHE A 198 30.78 2.02 3.28
CA PHE A 198 29.84 2.39 2.22
C PHE A 198 28.44 1.92 2.63
N ALA A 199 27.93 0.88 1.98
CA ALA A 199 26.61 0.33 2.30
C ALA A 199 26.71 -1.09 2.83
N ALA A 200 27.90 -1.53 3.22
CA ALA A 200 28.10 -2.85 3.82
C ALA A 200 28.15 -2.71 5.33
N GLY A 201 27.79 -3.80 6.02
CA GLY A 201 27.74 -3.79 7.46
C GLY A 201 26.48 -3.14 7.98
N PRO A 202 26.42 -2.93 9.30
CA PRO A 202 25.21 -2.35 9.89
C PRO A 202 25.05 -0.89 9.50
N LYS A 203 23.80 -0.52 9.20
CA LYS A 203 23.43 0.87 8.96
C LYS A 203 22.85 1.42 10.26
N ILE A 204 23.53 2.38 10.87
CA ILE A 204 23.12 2.95 12.15
C ILE A 204 22.96 4.45 11.98
N ALA A 205 21.79 4.96 12.35
CA ALA A 205 21.53 6.39 12.40
C ALA A 205 21.96 6.93 13.76
N HIS A 206 22.96 7.80 13.77
CA HIS A 206 23.46 8.40 15.00
C HIS A 206 22.94 9.80 15.23
N VAL A 207 22.05 10.29 14.36
CA VAL A 207 21.36 11.57 14.56
C VAL A 207 19.87 11.30 14.50
N ASP A 208 19.11 12.13 15.22
CA ASP A 208 17.66 11.94 15.26
C ASP A 208 16.98 12.45 14.00
N GLU A 209 17.55 13.47 13.36
CA GLU A 209 16.94 14.06 12.18
C GLU A 209 18.02 14.52 11.21
N VAL A 210 17.69 14.52 9.92
CA VAL A 210 18.54 15.11 8.88
C VAL A 210 17.70 16.17 8.19
N HIS A 211 18.22 17.41 8.16
CA HIS A 211 17.52 18.54 7.58
C HIS A 211 18.31 19.05 6.38
N TRP A 212 17.73 18.96 5.19
CA TRP A 212 18.31 19.58 4.01
C TRP A 212 17.94 21.05 3.98
N HIS A 213 18.96 21.92 3.96
CA HIS A 213 18.76 23.36 3.77
C HIS A 213 19.08 23.67 2.31
N ILE A 214 18.07 24.04 1.53
CA ILE A 214 18.27 24.37 0.13
C ILE A 214 18.83 25.78 0.06
N ILE A 215 20.07 25.90 -0.41
CA ILE A 215 20.75 27.20 -0.54
C ILE A 215 21.35 27.27 -1.94
N PRO A 216 20.67 27.86 -2.92
CA PRO A 216 21.21 27.87 -4.29
C PRO A 216 22.48 28.69 -4.45
N ASP A 217 22.63 29.79 -3.71
CA ASP A 217 23.83 30.61 -3.81
C ASP A 217 24.98 29.92 -3.08
N ARG A 218 26.02 29.57 -3.83
CA ARG A 218 27.09 28.76 -3.26
C ARG A 218 27.89 29.51 -2.20
N ALA A 219 28.10 30.81 -2.40
CA ALA A 219 28.80 31.60 -1.39
C ALA A 219 28.01 31.66 -0.09
N THR A 220 26.68 31.80 -0.18
CA THR A 220 25.85 31.80 1.02
C THR A 220 25.96 30.46 1.76
N ALA A 221 26.00 29.35 1.02
CA ALA A 221 26.09 28.03 1.65
C ALA A 221 27.39 27.87 2.41
N ILE A 222 28.51 28.29 1.80
CA ILE A 222 29.80 28.19 2.49
C ILE A 222 29.82 29.07 3.73
N ALA A 223 29.24 30.26 3.64
CA ALA A 223 29.19 31.15 4.80
C ALA A 223 28.40 30.53 5.93
N ALA A 224 27.29 29.86 5.61
CA ALA A 224 26.52 29.16 6.64
C ALA A 224 27.34 28.07 7.29
N LEU A 225 28.16 27.36 6.49
CA LEU A 225 28.97 26.28 7.05
C LEU A 225 30.03 26.82 8.00
N GLN A 226 30.70 27.91 7.62
CA GLN A 226 31.72 28.49 8.49
C GLN A 226 31.10 29.09 9.75
N ALA A 227 29.85 29.54 9.67
CA ALA A 227 29.16 30.10 10.82
C ALA A 227 28.47 29.04 11.67
N ASN A 228 28.71 27.77 11.39
CA ASN A 228 28.12 26.65 12.12
C ASN A 228 26.59 26.69 12.05
N GLU A 229 26.05 27.25 10.98
CA GLU A 229 24.61 27.24 10.75
C GLU A 229 24.15 26.00 9.99
N VAL A 230 25.07 25.32 9.31
CA VAL A 230 24.82 24.00 8.74
C VAL A 230 26.01 23.11 9.11
N ASP A 231 25.82 21.80 8.95
CA ASP A 231 26.85 20.84 9.31
C ASP A 231 27.65 20.34 8.12
N GLY A 232 27.11 20.41 6.91
CA GLY A 232 27.81 19.91 5.75
C GLY A 232 27.28 20.53 4.48
N VAL A 233 28.16 20.63 3.48
CA VAL A 233 27.82 21.12 2.15
C VAL A 233 28.27 20.07 1.15
N GLU A 234 27.36 19.67 0.25
CA GLU A 234 27.62 18.51 -0.61
C GLU A 234 28.67 18.83 -1.66
N MET A 235 28.55 19.99 -2.33
N MET A 235 28.55 19.98 -2.32
CA MET A 235 29.42 20.35 -3.44
CA MET A 235 29.42 20.35 -3.44
C MET A 235 30.22 21.58 -3.07
C MET A 235 30.21 21.58 -3.07
N VAL A 236 31.53 21.44 -3.02
CA VAL A 236 32.45 22.54 -2.76
C VAL A 236 33.16 22.88 -4.06
N ASP A 237 33.04 24.13 -4.49
CA ASP A 237 33.74 24.58 -5.69
C ASP A 237 35.22 24.82 -5.37
N SER A 238 36.04 24.74 -6.43
CA SER A 238 37.47 24.93 -6.26
C SER A 238 37.81 26.33 -5.76
N ASP A 239 36.95 27.32 -6.04
CA ASP A 239 37.21 28.68 -5.58
C ASP A 239 37.23 28.78 -4.07
N PHE A 240 36.48 27.92 -3.39
CA PHE A 240 36.40 27.96 -1.92
C PHE A 240 37.38 27.02 -1.25
N LEU A 241 38.17 26.26 -2.01
CA LEU A 241 39.15 25.37 -1.40
C LEU A 241 40.19 26.09 -0.55
N PRO A 242 40.74 27.25 -0.94
CA PRO A 242 41.70 27.92 -0.04
C PRO A 242 41.12 28.29 1.31
N ILE A 243 39.94 28.91 1.34
CA ILE A 243 39.34 29.34 2.60
C ILE A 243 39.00 28.14 3.48
N LEU A 244 38.47 27.08 2.88
CA LEU A 244 38.03 25.93 3.69
C LEU A 244 39.21 25.13 4.20
N THR A 245 40.29 25.03 3.42
CA THR A 245 41.47 24.32 3.90
C THR A 245 42.10 25.05 5.08
N GLN A 246 42.06 26.38 5.09
CA GLN A 246 42.63 27.16 6.18
C GLN A 246 41.76 27.13 7.42
N ASP A 247 40.45 26.96 7.26
CA ASP A 247 39.54 26.94 8.39
C ASP A 247 39.73 25.66 9.18
N PRO A 248 40.19 25.72 10.43
CA PRO A 248 40.41 24.48 11.21
C PRO A 248 39.13 23.80 11.65
N ASN A 249 37.99 24.47 11.56
CA ASN A 249 36.70 23.88 11.94
C ASN A 249 36.03 23.13 10.80
N ILE A 250 36.66 23.10 9.63
CA ILE A 250 36.06 22.50 8.43
C ILE A 250 36.93 21.33 8.00
N LYS A 251 36.29 20.22 7.64
N LYS A 251 36.29 20.20 7.71
CA LYS A 251 36.96 19.02 7.13
CA LYS A 251 36.97 19.05 7.12
C LYS A 251 36.50 18.78 5.70
C LYS A 251 36.51 18.88 5.69
N LEU A 252 37.45 18.68 4.79
CA LEU A 252 37.15 18.44 3.38
C LEU A 252 37.18 16.95 3.10
N VAL A 253 36.15 16.45 2.42
CA VAL A 253 36.01 15.03 2.12
C VAL A 253 36.19 14.85 0.63
N LYS A 254 37.25 14.16 0.24
CA LYS A 254 37.46 13.76 -1.14
C LYS A 254 36.52 12.60 -1.45
N ARG A 255 35.57 12.83 -2.35
CA ARG A 255 34.59 11.80 -2.68
C ARG A 255 35.22 10.74 -3.57
N SER A 256 34.70 9.52 -3.47
CA SER A 256 35.41 8.35 -4.01
C SER A 256 35.33 8.28 -5.53
N LEU A 257 34.19 8.65 -6.10
CA LEU A 257 33.97 8.45 -7.53
C LEU A 257 34.19 9.76 -8.27
N PRO A 258 35.19 9.84 -9.14
CA PRO A 258 35.54 11.10 -9.78
C PRO A 258 34.75 11.37 -11.06
N THR A 259 34.92 12.57 -11.58
CA THR A 259 34.57 12.89 -12.96
C THR A 259 35.77 12.57 -13.84
N ILE A 260 35.63 11.59 -14.73
CA ILE A 260 36.69 11.28 -15.67
C ILE A 260 36.46 12.15 -16.90
N GLY A 261 37.41 13.06 -17.15
CA GLY A 261 37.32 13.91 -18.33
C GLY A 261 37.70 13.11 -19.57
N VAL A 262 37.00 13.38 -20.68
CA VAL A 262 37.21 12.62 -21.90
C VAL A 262 37.31 13.57 -23.09
N MET A 263 38.24 13.28 -23.98
CA MET A 263 38.25 13.81 -25.33
C MET A 263 37.52 12.82 -26.21
N ARG A 264 36.44 13.27 -26.86
CA ARG A 264 35.58 12.40 -27.65
C ARG A 264 35.64 12.85 -29.11
N PHE A 265 36.02 11.93 -29.99
CA PHE A 265 36.09 12.19 -31.41
C PHE A 265 34.76 11.85 -32.08
N ASN A 266 34.53 12.45 -33.25
CA ASN A 266 33.50 12.00 -34.16
C ASN A 266 34.12 10.94 -35.07
N HIS A 267 33.77 9.68 -34.85
CA HIS A 267 34.35 8.57 -35.58
C HIS A 267 33.76 8.37 -36.97
N LEU A 268 32.78 9.17 -37.36
CA LEU A 268 32.06 8.93 -38.61
C LEU A 268 32.68 9.63 -39.82
N HIS A 269 33.60 10.56 -39.62
CA HIS A 269 34.14 11.32 -40.73
C HIS A 269 35.60 11.65 -40.46
N ALA A 270 36.27 12.17 -41.49
CA ALA A 270 37.67 12.54 -41.37
C ALA A 270 37.83 13.73 -40.41
N PRO A 271 38.95 13.79 -39.68
CA PRO A 271 40.09 12.87 -39.73
C PRO A 271 40.04 11.72 -38.71
N PHE A 272 39.10 11.74 -37.78
CA PHE A 272 39.15 10.81 -36.67
C PHE A 272 38.36 9.52 -36.92
N ASN A 273 37.89 9.32 -38.15
CA ASN A 273 37.52 7.97 -38.58
C ASN A 273 38.74 7.12 -38.88
N ASN A 274 39.95 7.69 -38.78
CA ASN A 274 41.20 7.00 -39.05
C ASN A 274 41.85 6.62 -37.72
N VAL A 275 42.02 5.32 -37.48
CA VAL A 275 42.49 4.88 -36.16
C VAL A 275 43.95 5.24 -35.94
N GLU A 276 44.75 5.32 -37.00
N GLU A 276 44.75 5.31 -37.01
CA GLU A 276 46.15 5.73 -36.84
CA GLU A 276 46.15 5.73 -36.84
C GLU A 276 46.24 7.18 -36.36
C GLU A 276 46.22 7.17 -36.34
N ILE A 277 45.34 8.04 -36.83
CA ILE A 277 45.32 9.42 -36.37
C ILE A 277 44.86 9.48 -34.92
N ARG A 278 43.86 8.67 -34.56
CA ARG A 278 43.41 8.64 -33.16
C ARG A 278 44.52 8.17 -32.24
N ARG A 279 45.24 7.12 -32.63
CA ARG A 279 46.34 6.63 -31.80
C ARG A 279 47.48 7.65 -31.72
N ALA A 280 47.68 8.43 -32.78
CA ALA A 280 48.71 9.46 -32.72
C ALA A 280 48.35 10.54 -31.71
N VAL A 281 47.07 10.95 -31.65
CA VAL A 281 46.66 11.93 -30.65
C VAL A 281 46.83 11.36 -29.25
N LEU A 282 46.43 10.10 -29.06
CA LEU A 282 46.61 9.46 -27.76
C LEU A 282 48.06 9.52 -27.30
N SER A 283 49.00 9.42 -28.24
CA SER A 283 50.42 9.37 -27.89
C SER A 283 50.98 10.71 -27.41
N VAL A 284 50.20 11.79 -27.49
CA VAL A 284 50.67 13.09 -27.02
C VAL A 284 49.74 13.72 -25.99
N VAL A 285 48.67 13.04 -25.58
CA VAL A 285 47.82 13.57 -24.52
C VAL A 285 48.55 13.43 -23.19
N ASN A 286 48.69 14.55 -22.49
CA ASN A 286 49.36 14.61 -21.20
C ASN A 286 48.32 14.97 -20.15
N GLN A 287 47.94 13.98 -19.33
CA GLN A 287 46.89 14.23 -18.34
C GLN A 287 47.33 15.25 -17.30
N THR A 288 48.63 15.34 -17.01
CA THR A 288 49.10 16.37 -16.09
C THR A 288 48.78 17.75 -16.61
N GLU A 289 48.99 17.97 -17.91
CA GLU A 289 48.68 19.27 -18.52
C GLU A 289 47.18 19.56 -18.47
N TYR A 290 46.35 18.56 -18.80
CA TYR A 290 44.91 18.77 -18.79
C TYR A 290 44.41 19.03 -17.37
N MET A 291 44.85 18.22 -16.41
CA MET A 291 44.36 18.38 -15.04
C MET A 291 44.83 19.70 -14.43
N THR A 292 46.05 20.13 -14.76
CA THR A 292 46.53 21.42 -14.25
C THR A 292 45.73 22.57 -14.85
N ALA A 293 45.41 22.49 -16.14
CA ALA A 293 44.63 23.56 -16.77
C ALA A 293 43.18 23.55 -16.30
N MET A 294 42.62 22.36 -16.08
CA MET A 294 41.21 22.26 -15.71
C MET A 294 40.99 22.52 -14.22
N ASN A 295 41.94 22.13 -13.37
CA ASN A 295 41.74 22.17 -11.92
C ASN A 295 42.75 23.05 -11.18
N GLY A 296 43.78 23.54 -11.85
CA GLY A 296 44.84 24.24 -11.15
C GLY A 296 45.81 23.29 -10.49
N ALA A 297 46.94 23.83 -10.04
CA ALA A 297 47.99 23.04 -9.43
C ALA A 297 48.02 23.15 -7.91
N ASP A 298 47.13 23.93 -7.31
CA ASP A 298 47.21 24.20 -5.88
C ASP A 298 46.65 23.08 -5.01
N PHE A 299 45.75 22.25 -5.54
CA PHE A 299 45.14 21.16 -4.78
C PHE A 299 45.18 19.87 -5.59
N PRO A 300 46.37 19.33 -5.85
CA PRO A 300 46.47 18.11 -6.67
C PRO A 300 45.93 16.87 -5.99
N GLU A 301 45.64 16.92 -4.68
CA GLU A 301 45.07 15.77 -4.00
C GLU A 301 43.66 15.45 -4.48
N TYR A 302 43.03 16.35 -5.26
CA TYR A 302 41.67 16.15 -5.75
C TYR A 302 41.63 15.83 -7.24
N TRP A 303 42.76 15.46 -7.84
CA TRP A 303 42.72 14.94 -9.19
C TRP A 303 43.85 13.94 -9.40
N SER A 304 43.70 13.14 -10.44
CA SER A 304 44.67 12.13 -10.82
C SER A 304 45.06 12.30 -12.28
N ASP A 305 46.36 12.28 -12.56
CA ASP A 305 46.88 12.28 -13.93
C ASP A 305 47.36 10.89 -14.35
N ARG A 306 46.85 9.83 -13.72
N ARG A 306 46.87 9.84 -13.70
CA ARG A 306 47.14 8.46 -14.11
CA ARG A 306 47.13 8.46 -14.10
C ARG A 306 45.81 7.70 -14.24
C ARG A 306 45.79 7.73 -14.19
N CYS A 307 44.93 8.22 -15.08
CA CYS A 307 43.57 7.71 -15.22
C CYS A 307 43.45 6.92 -16.51
N GLY A 308 43.11 5.64 -16.38
CA GLY A 308 42.79 4.77 -17.50
C GLY A 308 41.31 4.72 -17.77
N VAL A 309 40.82 3.52 -18.11
CA VAL A 309 39.42 3.36 -18.48
C VAL A 309 38.52 3.44 -17.25
N PHE A 310 38.94 2.82 -16.14
CA PHE A 310 38.12 2.69 -14.95
C PHE A 310 38.65 3.59 -13.84
N VAL A 311 37.83 3.75 -12.80
CA VAL A 311 38.17 4.61 -11.67
C VAL A 311 39.54 4.24 -11.11
N PRO A 312 40.47 5.18 -11.01
CA PRO A 312 41.83 4.84 -10.53
C PRO A 312 41.80 4.17 -9.16
N GLY A 313 42.54 3.06 -9.07
CA GLY A 313 42.64 2.32 -7.83
C GLY A 313 41.49 1.39 -7.53
N SER A 314 40.43 1.40 -8.33
CA SER A 314 39.28 0.54 -8.11
C SER A 314 39.59 -0.86 -8.62
N PRO A 315 38.78 -1.87 -8.25
CA PRO A 315 39.15 -3.26 -8.59
C PRO A 315 39.36 -3.54 -10.07
N MET A 316 38.63 -2.89 -10.98
CA MET A 316 38.83 -3.16 -12.40
C MET A 316 39.99 -2.36 -12.99
N ASP A 317 40.52 -1.37 -12.28
CA ASP A 317 41.66 -0.60 -12.75
C ASP A 317 42.90 -1.48 -12.85
N SER A 318 43.78 -1.16 -13.78
CA SER A 318 45.00 -1.92 -14.00
C SER A 318 46.01 -1.03 -14.72
N ASP A 319 47.23 -1.55 -14.83
CA ASP A 319 48.28 -0.85 -15.57
C ASP A 319 48.34 -1.26 -17.03
N ALA A 320 47.38 -2.05 -17.51
CA ALA A 320 47.43 -2.57 -18.86
C ALA A 320 47.53 -1.44 -19.89
N GLY A 321 48.63 -1.43 -20.63
CA GLY A 321 48.84 -0.47 -21.69
C GLY A 321 48.96 0.97 -21.25
N MET A 322 49.12 1.22 -19.95
CA MET A 322 49.10 2.59 -19.45
C MET A 322 50.27 3.42 -19.95
N GLU A 323 51.32 2.79 -20.46
N GLU A 323 51.32 2.79 -20.46
CA GLU A 323 52.41 3.54 -21.07
CA GLU A 323 52.42 3.55 -21.07
C GLU A 323 51.95 4.36 -22.27
C GLU A 323 51.95 4.36 -22.27
N LYS A 324 50.80 4.00 -22.86
CA LYS A 324 50.23 4.81 -23.94
C LYS A 324 49.88 6.21 -23.48
N LEU A 325 49.67 6.40 -22.19
CA LEU A 325 49.39 7.69 -21.59
C LEU A 325 50.55 8.26 -20.78
N THR A 326 51.28 7.40 -20.07
CA THR A 326 52.31 7.86 -19.14
C THR A 326 53.69 7.94 -19.76
N GLY A 327 53.88 7.41 -20.96
CA GLY A 327 55.17 7.45 -21.60
C GLY A 327 55.50 8.82 -22.17
N LYS A 328 56.59 8.86 -22.91
CA LYS A 328 57.04 10.10 -23.55
C LYS A 328 55.98 10.61 -24.52
N ARG A 329 55.75 11.93 -24.49
CA ARG A 329 54.80 12.60 -25.38
C ARG A 329 55.58 13.20 -26.54
N ASP A 330 55.69 12.44 -27.63
CA ASP A 330 56.56 12.81 -28.76
C ASP A 330 55.73 13.49 -29.84
N ILE A 331 55.79 14.82 -29.89
CA ILE A 331 55.02 15.59 -30.87
C ILE A 331 55.51 15.31 -32.28
N GLU A 332 56.83 15.23 -32.47
CA GLU A 332 57.38 15.07 -33.82
C GLU A 332 56.97 13.72 -34.42
N LYS A 333 57.06 12.64 -33.64
CA LYS A 333 56.63 11.34 -34.17
C LYS A 333 55.14 11.31 -34.41
N ALA A 334 54.35 11.98 -33.54
CA ALA A 334 52.91 12.03 -33.76
C ALA A 334 52.56 12.80 -35.01
N ARG A 335 53.23 13.94 -35.24
CA ARG A 335 53.02 14.69 -36.48
C ARG A 335 53.30 13.84 -37.70
N ALA A 336 54.41 13.09 -37.67
CA ALA A 336 54.77 12.25 -38.81
C ALA A 336 53.76 11.12 -39.00
N ALA A 337 53.24 10.56 -37.90
CA ALA A 337 52.25 9.50 -38.03
C ALA A 337 50.95 10.02 -38.61
N ILE A 338 50.56 11.24 -38.25
CA ILE A 338 49.32 11.81 -38.79
C ILE A 338 49.46 12.07 -40.29
N LYS A 339 50.62 12.59 -40.72
CA LYS A 339 50.84 12.78 -42.14
C LYS A 339 50.90 11.45 -42.88
N ALA A 340 51.58 10.46 -42.31
CA ALA A 340 51.66 9.15 -42.94
C ALA A 340 50.29 8.49 -43.06
N ALA A 341 49.39 8.78 -42.12
CA ALA A 341 48.04 8.21 -42.14
C ALA A 341 47.17 8.80 -43.24
N GLY A 342 47.59 9.90 -43.85
CA GLY A 342 46.86 10.50 -44.94
C GLY A 342 46.11 11.78 -44.62
N TYR A 343 46.36 12.39 -43.45
CA TYR A 343 45.72 13.66 -43.15
C TYR A 343 46.20 14.73 -44.10
N ASN A 344 45.27 15.48 -44.68
CA ASN A 344 45.57 16.46 -45.72
C ASN A 344 44.85 17.77 -45.46
N GLY A 345 44.96 18.27 -44.24
CA GLY A 345 44.46 19.59 -43.92
C GLY A 345 42.97 19.71 -43.75
N GLU A 346 42.26 18.59 -43.59
CA GLU A 346 40.82 18.65 -43.37
C GLU A 346 40.50 19.48 -42.14
N LYS A 347 39.41 20.23 -42.22
CA LYS A 347 38.98 21.09 -41.12
C LYS A 347 38.55 20.24 -39.93
N VAL A 348 39.16 20.47 -38.77
N VAL A 348 39.13 20.52 -38.77
CA VAL A 348 38.81 19.76 -37.55
CA VAL A 348 38.85 19.80 -37.53
C VAL A 348 38.11 20.75 -36.63
C VAL A 348 38.11 20.76 -36.61
N VAL A 349 36.82 20.51 -36.39
CA VAL A 349 35.99 21.40 -35.58
C VAL A 349 36.03 20.94 -34.13
N LEU A 350 36.48 21.83 -33.25
CA LEU A 350 36.48 21.61 -31.82
C LEU A 350 35.35 22.42 -31.20
N LEU A 351 34.49 21.76 -30.42
CA LEU A 351 33.38 22.42 -29.76
C LEU A 351 33.89 22.97 -28.42
N ASP A 352 33.92 24.29 -28.30
CA ASP A 352 34.46 24.96 -27.12
C ASP A 352 33.33 25.56 -26.29
N PRO A 353 33.00 24.97 -25.13
CA PRO A 353 31.95 25.55 -24.27
C PRO A 353 32.50 26.64 -23.36
N VAL A 354 32.34 27.90 -23.77
CA VAL A 354 33.02 29.00 -23.09
C VAL A 354 32.44 29.25 -21.70
N ASP A 355 31.17 28.89 -21.48
CA ASP A 355 30.52 29.14 -20.20
C ASP A 355 30.67 27.97 -19.21
N PHE A 356 31.49 26.98 -19.54
CA PHE A 356 31.78 25.86 -18.64
C PHE A 356 33.28 25.82 -18.44
N PRO A 357 33.80 26.38 -17.34
CA PRO A 357 35.24 26.66 -17.26
C PRO A 357 36.15 25.45 -17.42
N THR A 358 35.82 24.32 -16.80
N THR A 358 35.79 24.31 -16.84
CA THR A 358 36.71 23.17 -16.88
CA THR A 358 36.71 23.17 -16.87
C THR A 358 36.81 22.64 -18.30
C THR A 358 36.78 22.55 -18.26
N TRP A 359 35.67 22.52 -18.99
CA TRP A 359 35.69 21.97 -20.34
C TRP A 359 36.13 22.99 -21.36
N HIS A 360 35.95 24.28 -21.07
CA HIS A 360 36.60 25.32 -21.86
C HIS A 360 38.11 25.19 -21.80
N ALA A 361 38.65 24.94 -20.59
CA ALA A 361 40.08 24.75 -20.45
C ALA A 361 40.57 23.53 -21.23
N ALA A 362 39.81 22.44 -21.17
CA ALA A 362 40.20 21.24 -21.93
C ALA A 362 40.18 21.53 -23.43
N ALA A 363 39.21 22.32 -23.90
CA ALA A 363 39.16 22.67 -25.31
C ALA A 363 40.37 23.53 -25.71
N LEU A 364 40.79 24.44 -24.83
CA LEU A 364 41.94 25.29 -25.15
C LEU A 364 43.23 24.49 -25.19
N VAL A 365 43.42 23.57 -24.23
CA VAL A 365 44.59 22.70 -24.26
C VAL A 365 44.62 21.90 -25.55
N THR A 366 43.47 21.36 -25.95
CA THR A 366 43.39 20.54 -27.15
C THR A 366 43.64 21.37 -28.41
N ALA A 367 43.11 22.59 -28.46
CA ALA A 367 43.33 23.44 -29.63
C ALA A 367 44.82 23.71 -29.84
N ASP A 368 45.54 24.00 -28.75
CA ASP A 368 46.97 24.23 -28.86
C ASP A 368 47.71 22.95 -29.26
N LEU A 369 47.32 21.83 -28.66
CA LEU A 369 47.95 20.55 -29.00
C LEU A 369 47.71 20.19 -30.45
N PHE A 370 46.47 20.37 -30.93
CA PHE A 370 46.15 20.00 -32.31
C PHE A 370 46.86 20.89 -33.31
N LYS A 371 47.04 22.18 -32.99
CA LYS A 371 47.79 23.06 -33.88
C LYS A 371 49.25 22.62 -33.97
N ARG A 372 49.83 22.19 -32.84
CA ARG A 372 51.21 21.72 -32.86
C ARG A 372 51.33 20.36 -33.54
N LEU A 373 50.23 19.60 -33.64
CA LEU A 373 50.23 18.35 -34.39
C LEU A 373 50.03 18.57 -35.89
N GLY A 374 49.74 19.78 -36.33
CA GLY A 374 49.53 20.06 -37.73
C GLY A 374 48.09 20.04 -38.21
N PHE A 375 47.12 19.98 -37.29
CA PHE A 375 45.72 19.99 -37.68
C PHE A 375 45.27 21.39 -38.09
N ASN A 376 44.32 21.44 -39.02
CA ASN A 376 43.65 22.69 -39.40
C ASN A 376 42.49 22.89 -38.43
N VAL A 377 42.76 23.60 -37.34
CA VAL A 377 41.85 23.66 -36.20
C VAL A 377 40.83 24.77 -36.40
N ASP A 378 39.56 24.45 -36.16
CA ASP A 378 38.47 25.42 -36.11
C ASP A 378 37.85 25.33 -34.71
N LEU A 379 38.32 26.17 -33.80
CA LEU A 379 37.82 26.19 -32.43
C LEU A 379 36.57 27.04 -32.38
N GLN A 380 35.41 26.39 -32.28
CA GLN A 380 34.12 27.07 -32.32
C GLN A 380 33.63 27.31 -30.89
N THR A 381 33.49 28.58 -30.52
CA THR A 381 33.04 28.97 -29.20
C THR A 381 31.52 29.03 -29.15
N MET A 382 30.94 28.47 -28.09
CA MET A 382 29.50 28.45 -27.93
C MET A 382 29.19 28.13 -26.47
N ASP A 383 27.91 28.27 -26.11
CA ASP A 383 27.47 27.87 -24.79
C ASP A 383 27.42 26.35 -24.68
N TRP A 384 27.56 25.86 -23.44
CA TRP A 384 27.53 24.42 -23.21
C TRP A 384 26.25 23.80 -23.75
N GLY A 385 25.11 24.43 -23.46
CA GLY A 385 23.84 23.92 -23.96
C GLY A 385 23.80 23.82 -25.47
N THR A 386 24.43 24.78 -26.15
CA THR A 386 24.52 24.70 -27.61
C THR A 386 25.42 23.55 -28.04
N ALA A 387 26.56 23.39 -27.37
CA ALA A 387 27.52 22.35 -27.76
C ALA A 387 26.92 20.96 -27.55
N VAL A 388 26.12 20.78 -26.51
CA VAL A 388 25.46 19.50 -26.28
C VAL A 388 24.55 19.15 -27.45
N GLN A 389 23.91 20.15 -28.07
N GLN A 389 23.90 20.16 -28.06
CA GLN A 389 23.07 19.90 -29.23
CA GLN A 389 23.08 19.91 -29.23
C GLN A 389 23.90 19.67 -30.49
C GLN A 389 23.91 19.66 -30.47
N ARG A 390 25.01 20.41 -30.63
CA ARG A 390 25.84 20.28 -31.82
C ARG A 390 26.50 18.91 -31.90
N ARG A 391 26.91 18.37 -30.75
CA ARG A 391 27.65 17.10 -30.76
C ARG A 391 26.76 15.91 -31.09
N ASN A 392 25.44 16.10 -31.19
CA ASN A 392 24.56 15.02 -31.65
C ASN A 392 24.52 14.89 -33.16
N ASN A 393 25.11 15.83 -33.88
CA ASN A 393 25.10 15.81 -35.35
C ASN A 393 26.11 14.78 -35.86
N GLN A 394 25.65 13.87 -36.72
CA GLN A 394 26.49 12.84 -37.30
C GLN A 394 27.05 13.22 -38.66
N GLU A 395 26.67 14.38 -39.20
CA GLU A 395 27.05 14.78 -40.55
C GLU A 395 28.50 15.26 -40.58
N PRO A 396 29.12 15.29 -41.77
CA PRO A 396 30.50 15.75 -41.87
C PRO A 396 30.63 17.24 -41.58
N VAL A 397 31.89 17.67 -41.47
CA VAL A 397 32.17 19.06 -41.15
C VAL A 397 31.64 19.99 -42.23
N SER A 398 31.69 19.56 -43.50
CA SER A 398 31.19 20.38 -44.60
C SER A 398 29.70 20.67 -44.47
N ALA A 399 28.97 19.86 -43.72
CA ALA A 399 27.55 20.08 -43.47
C ALA A 399 27.28 20.65 -42.08
N GLY A 400 28.27 21.31 -41.48
CA GLY A 400 28.10 21.90 -40.18
C GLY A 400 28.41 20.99 -39.01
N GLY A 401 29.09 19.88 -39.24
CA GLY A 401 29.36 18.91 -38.19
C GLY A 401 30.53 19.30 -37.31
N TRP A 402 30.90 18.36 -36.44
CA TRP A 402 31.93 18.57 -35.43
C TRP A 402 32.94 17.43 -35.52
N SER A 403 34.12 17.65 -34.92
CA SER A 403 35.17 16.65 -34.93
C SER A 403 35.59 16.17 -33.54
N VAL A 404 35.70 17.08 -32.57
CA VAL A 404 36.11 16.73 -31.21
C VAL A 404 35.22 17.49 -30.23
N ALA A 405 34.87 16.81 -29.13
CA ALA A 405 34.11 17.41 -28.05
C ALA A 405 34.74 16.99 -26.73
N PHE A 406 34.36 17.69 -25.66
CA PHE A 406 34.95 17.48 -24.34
C PHE A 406 33.86 17.44 -23.30
N THR A 407 33.89 16.43 -22.43
CA THR A 407 32.93 16.33 -21.35
C THR A 407 33.48 15.37 -20.31
N GLY A 408 32.69 15.13 -19.27
CA GLY A 408 33.10 14.24 -18.19
C GLY A 408 32.03 13.22 -17.89
N ASN A 409 32.49 12.07 -17.40
CA ASN A 409 31.62 11.00 -16.96
C ASN A 409 31.80 10.81 -15.46
N THR A 410 30.68 10.75 -14.74
CA THR A 410 30.67 10.70 -13.30
C THR A 410 30.08 9.38 -12.80
N GLY A 411 30.28 9.13 -11.50
CA GLY A 411 29.52 8.12 -10.81
C GLY A 411 30.03 6.70 -10.98
N PRO A 412 29.23 5.73 -10.51
CA PRO A 412 29.68 4.33 -10.53
C PRO A 412 29.77 3.72 -11.91
N ASN A 413 29.25 4.40 -12.96
CA ASN A 413 29.37 3.84 -14.31
C ASN A 413 30.83 3.59 -14.69
N ASN A 414 31.76 4.38 -14.15
CA ASN A 414 33.16 4.25 -14.50
C ASN A 414 33.86 3.11 -13.79
N LEU A 415 33.17 2.36 -12.92
CA LEU A 415 33.80 1.28 -12.18
C LEU A 415 33.91 -0.01 -12.99
N ASP A 416 33.09 -0.18 -14.02
CA ASP A 416 33.07 -1.45 -14.73
C ASP A 416 32.40 -1.26 -16.09
N PRO A 417 32.40 -2.27 -16.97
CA PRO A 417 31.87 -2.04 -18.32
C PRO A 417 30.35 -1.97 -18.45
N ALA A 418 29.58 -2.17 -17.37
CA ALA A 418 28.13 -2.27 -17.52
C ALA A 418 27.53 -0.98 -18.06
N GLY A 419 27.67 0.11 -17.32
CA GLY A 419 27.13 1.40 -17.70
C GLY A 419 28.15 2.39 -18.23
N HIS A 420 29.40 1.95 -18.40
CA HIS A 420 30.47 2.81 -18.91
C HIS A 420 30.09 3.34 -20.29
N LEU A 421 29.96 4.66 -20.41
CA LEU A 421 29.46 5.24 -21.65
C LEU A 421 30.52 5.31 -22.76
N PRO A 422 31.71 5.88 -22.51
CA PRO A 422 32.62 6.13 -23.64
C PRO A 422 33.22 4.87 -24.23
N MET A 423 33.33 3.78 -23.48
CA MET A 423 33.98 2.58 -24.00
C MET A 423 33.10 1.81 -24.98
N ARG A 424 31.81 2.10 -25.05
CA ARG A 424 30.91 1.34 -25.91
C ARG A 424 31.28 1.52 -27.38
N GLY A 425 31.16 0.44 -28.14
CA GLY A 425 31.59 0.46 -29.53
C GLY A 425 30.52 0.00 -30.51
N ASN A 426 29.25 0.24 -30.19
CA ASN A 426 28.17 -0.18 -31.08
C ASN A 426 27.74 0.93 -32.05
N GLY A 427 28.69 1.72 -32.54
CA GLY A 427 28.44 2.56 -33.70
C GLY A 427 27.43 3.65 -33.45
N LYS A 428 26.49 3.82 -34.39
CA LYS A 428 25.50 4.88 -34.30
C LYS A 428 24.49 4.66 -33.18
N GLN A 429 24.52 3.50 -32.51
CA GLN A 429 23.72 3.27 -31.33
C GLN A 429 24.46 3.61 -30.05
N ALA A 430 25.70 4.08 -30.15
CA ALA A 430 26.52 4.37 -28.98
C ALA A 430 26.38 5.84 -28.57
N TRP A 431 27.08 6.19 -27.49
CA TRP A 431 27.26 7.57 -27.06
C TRP A 431 27.73 8.42 -28.25
N PHE A 432 27.42 9.72 -28.19
CA PHE A 432 27.77 10.63 -29.27
C PHE A 432 29.25 10.48 -29.64
N GLY A 433 29.53 10.57 -30.94
CA GLY A 433 30.85 10.23 -31.45
C GLY A 433 30.82 8.93 -32.22
N TRP A 434 30.00 7.99 -31.74
CA TRP A 434 29.65 6.78 -32.47
C TRP A 434 30.84 5.94 -32.94
N PRO A 435 31.72 5.53 -32.03
CA PRO A 435 32.82 4.65 -32.41
C PRO A 435 32.32 3.23 -32.64
N THR A 436 32.99 2.53 -33.54
CA THR A 436 32.69 1.13 -33.85
C THR A 436 33.86 0.28 -33.39
N SER A 437 33.60 -0.60 -32.43
CA SER A 437 34.62 -1.56 -31.96
C SER A 437 33.89 -2.81 -31.53
N GLU A 438 33.81 -3.80 -32.43
CA GLU A 438 33.17 -5.07 -32.08
C GLU A 438 33.88 -5.75 -30.93
N ARG A 439 35.19 -5.55 -30.82
N ARG A 439 35.19 -5.55 -30.79
CA ARG A 439 35.95 -6.16 -29.72
CA ARG A 439 35.91 -6.20 -29.71
C ARG A 439 35.50 -5.61 -28.37
C ARG A 439 35.53 -5.61 -28.35
N LEU A 440 35.37 -4.30 -28.27
CA LEU A 440 34.95 -3.70 -27.00
C LEU A 440 33.53 -4.13 -26.63
N GLU A 441 32.65 -4.27 -27.62
CA GLU A 441 31.30 -4.76 -27.34
C GLU A 441 31.32 -6.20 -26.84
N GLN A 442 32.15 -7.05 -27.44
CA GLN A 442 32.22 -8.45 -27.01
C GLN A 442 32.88 -8.57 -25.65
N LEU A 443 33.92 -7.78 -25.39
CA LEU A 443 34.59 -7.82 -24.09
C LEU A 443 33.64 -7.42 -22.96
N ARG A 444 32.80 -6.41 -23.21
CA ARG A 444 31.79 -6.04 -22.23
C ARG A 444 30.85 -7.19 -21.91
N ILE A 445 30.41 -7.91 -22.96
CA ILE A 445 29.56 -9.07 -22.75
C ILE A 445 30.32 -10.15 -21.98
N ASP A 446 31.60 -10.35 -22.31
CA ASP A 446 32.43 -11.31 -21.57
C ASP A 446 32.46 -10.98 -20.09
N TRP A 447 32.53 -9.69 -19.76
CA TRP A 447 32.54 -9.28 -18.36
C TRP A 447 31.23 -9.66 -17.68
N PHE A 448 30.11 -9.54 -18.38
CA PHE A 448 28.82 -9.94 -17.81
C PHE A 448 28.80 -11.43 -17.48
N ASN A 449 29.47 -12.24 -18.30
CA ASN A 449 29.47 -13.69 -18.14
C ASN A 449 30.67 -14.20 -17.34
N ALA A 450 31.50 -13.30 -16.82
CA ALA A 450 32.71 -13.73 -16.13
C ALA A 450 32.35 -14.45 -14.83
N PRO A 451 33.00 -15.58 -14.53
CA PRO A 451 32.58 -16.38 -13.36
C PRO A 451 32.89 -15.72 -12.02
N ASP A 452 33.96 -14.94 -11.90
CA ASP A 452 34.39 -14.43 -10.60
C ASP A 452 35.19 -13.15 -10.80
N LEU A 453 35.64 -12.59 -9.68
CA LEU A 453 36.32 -11.29 -9.71
C LEU A 453 37.63 -11.37 -10.49
N ASP A 454 38.39 -12.44 -10.30
CA ASP A 454 39.65 -12.59 -11.03
C ASP A 454 39.42 -12.59 -12.54
N ALA A 455 38.37 -13.28 -12.99
CA ALA A 455 38.06 -13.29 -14.41
C ALA A 455 37.61 -11.91 -14.89
N GLN A 456 36.84 -11.20 -14.06
CA GLN A 456 36.43 -9.85 -14.43
C GLN A 456 37.62 -8.92 -14.60
N LYS A 457 38.61 -9.01 -13.69
CA LYS A 457 39.78 -8.15 -13.78
C LYS A 457 40.57 -8.43 -15.06
N LYS A 458 40.71 -9.71 -15.43
CA LYS A 458 41.45 -10.03 -16.64
C LYS A 458 40.78 -9.46 -17.88
N ILE A 459 39.44 -9.49 -17.91
CA ILE A 459 38.70 -8.93 -19.04
C ILE A 459 38.86 -7.41 -19.07
N CYS A 460 38.86 -6.77 -17.90
CA CYS A 460 38.99 -5.32 -17.89
C CYS A 460 40.42 -4.86 -18.22
N ARG A 461 41.42 -5.72 -18.02
CA ARG A 461 42.73 -5.45 -18.60
C ARG A 461 42.65 -5.41 -20.12
N GLU A 462 41.98 -6.42 -20.71
CA GLU A 462 41.84 -6.46 -22.16
C GLU A 462 41.03 -5.27 -22.67
N ILE A 463 40.01 -4.86 -21.92
CA ILE A 463 39.21 -3.71 -22.33
C ILE A 463 40.09 -2.47 -22.41
N GLN A 464 40.96 -2.26 -21.41
CA GLN A 464 41.83 -1.09 -21.44
C GLN A 464 42.83 -1.17 -22.59
N LEU A 465 43.40 -2.35 -22.85
CA LEU A 465 44.26 -2.50 -24.02
C LEU A 465 43.50 -2.16 -25.30
N GLN A 466 42.24 -2.58 -25.40
CA GLN A 466 41.48 -2.35 -26.62
C GLN A 466 41.06 -0.90 -26.76
N VAL A 467 40.81 -0.21 -25.63
CA VAL A 467 40.50 1.21 -25.69
C VAL A 467 41.70 1.99 -26.24
N PHE A 468 42.90 1.61 -25.83
CA PHE A 468 44.08 2.31 -26.37
C PHE A 468 44.34 1.94 -27.83
N GLU A 469 43.92 0.74 -28.25
CA GLU A 469 44.13 0.32 -29.63
C GLU A 469 43.12 0.93 -30.59
N ASP A 470 41.84 0.96 -30.20
CA ASP A 470 40.78 1.50 -31.07
C ASP A 470 40.48 2.97 -30.80
N VAL A 471 40.84 3.47 -29.62
CA VAL A 471 40.65 4.87 -29.22
C VAL A 471 39.21 5.33 -29.46
N PRO A 472 38.22 4.73 -28.79
CA PRO A 472 36.87 5.32 -28.82
C PRO A 472 36.82 6.69 -28.17
N TYR A 473 37.74 6.95 -27.25
CA TYR A 473 37.88 8.22 -26.55
C TYR A 473 39.27 8.22 -25.93
N ILE A 474 39.65 9.37 -25.35
CA ILE A 474 40.89 9.48 -24.61
C ILE A 474 40.58 10.06 -23.23
N PRO A 475 40.92 9.38 -22.14
CA PRO A 475 40.72 9.99 -20.82
C PRO A 475 41.74 11.09 -20.58
N LEU A 476 41.27 12.19 -19.99
CA LEU A 476 42.11 13.35 -19.73
C LEU A 476 42.58 13.43 -18.30
N GLY A 477 42.07 12.56 -17.43
CA GLY A 477 42.32 12.62 -16.01
C GLY A 477 41.03 12.44 -15.23
N ALA A 478 41.20 12.32 -13.92
CA ALA A 478 40.07 12.15 -13.01
C ALA A 478 40.04 13.31 -12.03
N THR A 479 38.87 13.94 -11.88
CA THR A 479 38.67 15.04 -10.97
C THR A 479 37.69 14.59 -9.88
N TYR A 480 38.11 14.70 -8.62
CA TYR A 480 37.31 14.20 -7.51
C TYR A 480 36.50 15.32 -6.90
N PRO A 481 35.18 15.20 -6.81
CA PRO A 481 34.39 16.21 -6.12
C PRO A 481 34.65 16.18 -4.62
N VAL A 482 34.35 17.29 -3.97
CA VAL A 482 34.69 17.50 -2.57
C VAL A 482 33.45 17.96 -1.83
N SER A 483 33.18 17.34 -0.69
CA SER A 483 32.21 17.82 0.29
C SER A 483 32.94 18.43 1.47
N ALA A 484 32.24 19.28 2.22
CA ALA A 484 32.83 19.93 3.39
C ALA A 484 31.92 19.70 4.59
N LEU A 485 32.54 19.40 5.73
CA LEU A 485 31.82 19.13 6.97
C LEU A 485 32.43 19.92 8.11
N ARG A 486 31.62 20.20 9.13
CA ARG A 486 32.16 20.63 10.40
C ARG A 486 33.05 19.53 10.97
N SER A 487 34.15 19.94 11.61
CA SER A 487 35.19 18.99 11.99
C SER A 487 34.71 17.93 12.97
N GLU A 488 33.64 18.18 13.72
CA GLU A 488 33.21 17.23 14.74
C GLU A 488 32.56 15.98 14.17
N TRP A 489 32.25 15.95 12.87
CA TRP A 489 31.54 14.82 12.28
C TRP A 489 32.53 13.80 11.73
N LYS A 490 32.38 12.54 12.15
CA LYS A 490 33.30 11.48 11.79
C LYS A 490 32.57 10.40 10.99
N ASP A 491 33.38 9.64 10.24
CA ASP A 491 32.92 8.43 9.52
C ASP A 491 31.84 8.75 8.49
N PHE A 492 31.90 9.95 7.92
CA PHE A 492 31.10 10.27 6.75
C PHE A 492 31.60 9.48 5.55
N GLN A 493 30.73 8.68 4.94
CA GLN A 493 31.17 7.80 3.86
C GLN A 493 31.45 8.59 2.59
N PRO A 494 32.58 8.35 1.93
CA PRO A 494 32.94 9.14 0.74
C PRO A 494 32.36 8.64 -0.58
N GLN A 495 31.80 7.43 -0.62
CA GLN A 495 31.36 6.87 -1.90
C GLN A 495 30.08 7.53 -2.38
N MET A 496 29.28 8.04 -1.46
CA MET A 496 27.95 8.54 -1.71
C MET A 496 27.57 9.39 -0.51
N SER A 497 26.69 10.37 -0.72
CA SER A 497 26.22 11.18 0.39
C SER A 497 25.25 10.35 1.22
N LEU A 498 25.72 9.85 2.36
CA LEU A 498 24.97 8.96 3.23
C LEU A 498 24.92 9.55 4.64
N PHE A 499 23.81 9.30 5.33
CA PHE A 499 23.60 9.89 6.64
C PHE A 499 23.48 8.87 7.75
N TYR A 500 23.50 7.58 7.43
CA TYR A 500 23.86 6.60 8.45
C TYR A 500 25.38 6.55 8.58
N THR A 501 25.85 5.89 9.64
CA THR A 501 27.26 5.69 9.97
C THR A 501 27.92 6.96 10.49
N LEU A 502 27.62 8.11 9.91
N LEU A 502 27.61 8.11 9.92
CA LEU A 502 28.21 9.35 10.39
CA LEU A 502 28.16 9.37 10.39
C LEU A 502 27.75 9.64 11.82
C LEU A 502 27.73 9.65 11.82
N HIS A 503 28.63 10.24 12.60
CA HIS A 503 28.35 10.48 14.01
C HIS A 503 29.28 11.56 14.55
N LYS A 504 28.85 12.18 15.64
CA LYS A 504 29.64 13.19 16.32
C LYS A 504 30.43 12.60 17.48
N ALA A 505 29.77 11.85 18.36
CA ALA A 505 30.43 11.24 19.51
C ALA A 505 30.26 9.72 19.49
N LYS B 4 3.60 -17.07 23.25
CA LYS B 4 2.24 -16.57 23.32
C LYS B 4 1.36 -17.18 22.24
N SER B 5 0.15 -17.58 22.61
CA SER B 5 -0.79 -18.14 21.66
C SER B 5 -1.54 -17.03 20.94
N ALA B 6 -1.92 -17.32 19.69
CA ALA B 6 -2.64 -16.35 18.89
C ALA B 6 -3.70 -17.05 18.05
N PHE B 7 -4.76 -16.31 17.73
CA PHE B 7 -5.74 -16.71 16.73
C PHE B 7 -5.54 -15.82 15.52
N ARG B 8 -5.31 -16.44 14.37
CA ARG B 8 -5.00 -15.71 13.13
C ARG B 8 -6.25 -15.67 12.26
N TRP B 9 -6.73 -14.45 11.99
CA TRP B 9 -8.07 -14.23 11.45
C TRP B 9 -7.98 -13.42 10.15
N VAL B 10 -8.68 -13.88 9.12
CA VAL B 10 -8.82 -13.11 7.89
C VAL B 10 -10.22 -12.49 7.86
N PRO B 11 -10.35 -11.20 8.14
CA PRO B 11 -11.69 -10.58 8.11
C PRO B 11 -12.18 -10.40 6.69
N GLN B 12 -13.50 -10.23 6.56
CA GLN B 12 -14.07 -10.06 5.24
C GLN B 12 -13.72 -8.71 4.63
N ALA B 13 -13.30 -7.75 5.44
CA ALA B 13 -12.88 -6.45 4.96
C ALA B 13 -11.88 -5.86 5.96
N ASP B 14 -11.19 -4.80 5.51
CA ASP B 14 -10.22 -4.15 6.36
C ASP B 14 -10.90 -3.28 7.42
N LEU B 15 -10.16 -2.94 8.46
CA LEU B 15 -10.65 -2.09 9.54
C LEU B 15 -10.27 -0.65 9.23
N ALA B 16 -11.26 0.23 9.17
CA ALA B 16 -11.05 1.62 8.80
C ALA B 16 -11.33 2.61 9.93
N LEU B 17 -12.41 2.38 10.70
CA LEU B 17 -12.78 3.24 11.81
C LEU B 17 -12.85 2.40 13.08
N LEU B 18 -12.57 3.03 14.22
CA LEU B 18 -12.46 2.34 15.49
C LEU B 18 -13.63 2.59 16.44
N ASP B 19 -14.47 3.59 16.16
CA ASP B 19 -15.52 4.02 17.07
C ASP B 19 -16.83 3.33 16.71
N PRO B 20 -17.28 2.35 17.50
CA PRO B 20 -18.51 1.62 17.13
C PRO B 20 -19.79 2.41 17.36
N MET B 21 -19.74 3.52 18.09
CA MET B 21 -20.89 4.40 18.18
C MET B 21 -21.03 5.28 16.96
N PHE B 22 -19.93 5.52 16.25
CA PHE B 22 -19.91 6.43 15.12
C PHE B 22 -20.36 5.75 13.83
N THR B 23 -19.87 4.55 13.56
CA THR B 23 -20.17 3.88 12.31
C THR B 23 -20.72 2.48 12.57
N THR B 24 -21.69 2.10 11.74
CA THR B 24 -22.34 0.80 11.80
C THR B 24 -21.61 -0.27 10.98
N VAL B 25 -20.56 0.10 10.24
CA VAL B 25 -19.91 -0.85 9.33
C VAL B 25 -19.43 -2.07 10.10
N ALA B 26 -19.50 -3.23 9.43
CA ALA B 26 -19.39 -4.51 10.11
C ALA B 26 -18.05 -4.68 10.81
N MET B 27 -16.94 -4.30 10.16
CA MET B 27 -15.64 -4.57 10.76
C MET B 27 -15.41 -3.73 12.01
N THR B 28 -15.97 -2.52 12.08
CA THR B 28 -15.86 -1.74 13.31
C THR B 28 -16.64 -2.40 14.44
N GLN B 29 -17.76 -3.05 14.13
CA GLN B 29 -18.54 -3.71 15.16
C GLN B 29 -17.83 -4.97 15.67
N VAL B 30 -17.18 -5.71 14.76
CA VAL B 30 -16.38 -6.87 15.19
C VAL B 30 -15.23 -6.42 16.07
N HIS B 31 -14.52 -5.38 15.63
CA HIS B 31 -13.46 -4.76 16.43
C HIS B 31 -13.98 -4.38 17.81
N ALA B 32 -15.20 -3.84 17.88
CA ALA B 32 -15.76 -3.40 19.15
C ALA B 32 -16.00 -4.56 20.11
N GLN B 33 -16.33 -5.74 19.59
CA GLN B 33 -16.57 -6.89 20.46
C GLN B 33 -15.28 -7.45 21.05
N LEU B 34 -14.12 -7.08 20.50
CA LEU B 34 -12.87 -7.43 21.16
C LEU B 34 -12.55 -6.48 22.30
N VAL B 35 -12.79 -5.19 22.10
CA VAL B 35 -12.23 -4.13 22.94
C VAL B 35 -13.20 -3.68 24.01
N PHE B 36 -14.49 -3.66 23.70
CA PHE B 36 -15.49 -3.09 24.59
C PHE B 36 -16.38 -4.18 25.17
N ASP B 37 -17.29 -3.75 26.04
CA ASP B 37 -18.23 -4.60 26.76
C ASP B 37 -19.54 -3.84 26.87
N THR B 38 -20.61 -4.56 27.23
CA THR B 38 -21.95 -3.99 27.29
C THR B 38 -22.62 -4.34 28.61
N LEU B 39 -23.61 -3.53 28.99
CA LEU B 39 -24.31 -3.75 30.25
C LEU B 39 -25.07 -5.07 30.22
N PHE B 40 -25.70 -5.38 29.10
CA PHE B 40 -26.41 -6.64 28.94
C PHE B 40 -25.89 -7.34 27.70
N GLY B 41 -25.94 -8.68 27.73
CA GLY B 41 -25.58 -9.49 26.59
C GLY B 41 -26.83 -10.13 26.02
N LEU B 42 -26.68 -10.66 24.80
CA LEU B 42 -27.72 -11.44 24.16
C LEU B 42 -27.24 -12.88 24.03
N ASP B 43 -28.16 -13.82 24.22
CA ASP B 43 -27.84 -15.23 24.05
C ASP B 43 -28.27 -15.67 22.64
N SER B 44 -28.28 -16.99 22.40
CA SER B 44 -28.60 -17.49 21.07
C SER B 44 -30.06 -17.32 20.70
N GLN B 45 -30.92 -17.03 21.67
CA GLN B 45 -32.30 -16.64 21.42
C GLN B 45 -32.47 -15.13 21.33
N TYR B 46 -31.35 -14.39 21.37
CA TYR B 46 -31.32 -12.94 21.25
C TYR B 46 -32.08 -12.25 22.37
N LEU B 47 -32.14 -12.93 23.56
CA LEU B 47 -32.73 -12.39 24.77
C LEU B 47 -31.63 -11.77 25.65
N PRO B 48 -31.94 -10.70 26.37
CA PRO B 48 -30.93 -10.03 27.18
C PRO B 48 -30.71 -10.69 28.53
N SER B 49 -29.47 -10.63 28.98
CA SER B 49 -29.07 -11.07 30.31
C SER B 49 -27.95 -10.18 30.79
N PRO B 50 -27.75 -10.07 32.10
CA PRO B 50 -26.70 -9.18 32.61
C PRO B 50 -25.32 -9.61 32.11
N GLN B 51 -24.56 -8.62 31.63
CA GLN B 51 -23.17 -8.84 31.24
C GLN B 51 -22.27 -8.03 32.17
N MET B 52 -22.07 -6.75 31.86
CA MET B 52 -21.40 -5.86 32.83
C MET B 52 -22.30 -5.58 34.03
N ALA B 53 -23.61 -5.62 33.84
CA ALA B 53 -24.53 -5.42 34.95
C ALA B 53 -24.53 -6.64 35.87
N ALA B 54 -24.80 -6.39 37.15
CA ALA B 54 -25.08 -7.46 38.09
C ALA B 54 -26.56 -7.77 38.14
N GLY B 55 -27.41 -6.78 37.94
CA GLY B 55 -28.83 -6.99 37.99
C GLY B 55 -29.56 -5.69 37.73
N HIS B 56 -30.88 -5.74 37.85
CA HIS B 56 -31.71 -4.59 37.60
C HIS B 56 -32.99 -4.70 38.41
N THR B 57 -33.67 -3.56 38.56
CA THR B 57 -35.02 -3.54 39.09
C THR B 57 -35.90 -2.67 38.21
N SER B 58 -37.18 -3.01 38.16
CA SER B 58 -38.21 -2.22 37.50
C SER B 58 -39.25 -1.84 38.53
N GLU B 59 -39.56 -0.54 38.61
CA GLU B 59 -40.54 -0.02 39.57
C GLU B 59 -41.49 0.93 38.86
N ASN B 60 -42.52 1.35 39.59
CA ASN B 60 -43.48 2.36 39.14
C ASN B 60 -44.10 1.97 37.80
N ASP B 61 -44.64 0.74 37.76
CA ASP B 61 -45.34 0.22 36.58
C ASP B 61 -44.47 0.33 35.33
N GLY B 62 -43.19 0.01 35.49
CA GLY B 62 -42.25 -0.01 34.38
C GLY B 62 -41.69 1.34 33.99
N LEU B 63 -41.82 2.35 34.83
CA LEU B 63 -41.35 3.70 34.51
C LEU B 63 -40.07 4.08 35.24
N LEU B 64 -39.53 3.20 36.07
CA LEU B 64 -38.30 3.49 36.81
C LEU B 64 -37.43 2.24 36.81
N TRP B 65 -36.31 2.30 36.10
CA TRP B 65 -35.38 1.19 35.99
C TRP B 65 -34.05 1.56 36.65
N LYS B 66 -33.54 0.66 37.48
CA LYS B 66 -32.24 0.82 38.12
C LYS B 66 -31.36 -0.37 37.76
N ILE B 67 -30.14 -0.08 37.31
CA ILE B 67 -29.21 -1.10 36.88
C ILE B 67 -27.93 -0.95 37.70
N THR B 68 -27.48 -2.05 38.30
CA THR B 68 -26.28 -2.07 39.12
C THR B 68 -25.14 -2.74 38.37
N LEU B 69 -23.96 -2.15 38.43
CA LEU B 69 -22.77 -2.73 37.82
C LEU B 69 -22.19 -3.82 38.71
N ARG B 70 -21.69 -4.89 38.10
CA ARG B 70 -21.03 -5.93 38.87
C ARG B 70 -19.63 -5.47 39.28
N ASP B 71 -19.07 -6.18 40.26
CA ASP B 71 -17.75 -5.83 40.76
C ASP B 71 -16.65 -6.34 39.83
N GLY B 72 -15.51 -5.65 39.86
CA GLY B 72 -14.35 -6.09 39.12
C GLY B 72 -14.22 -5.55 37.70
N LEU B 73 -15.10 -4.64 37.28
CA LEU B 73 -14.99 -4.05 35.96
C LEU B 73 -13.86 -3.04 35.91
N ALA B 74 -13.08 -3.08 34.84
CA ALA B 74 -11.94 -2.18 34.72
C ALA B 74 -11.73 -1.79 33.28
N PHE B 75 -11.42 -0.52 33.05
CA PHE B 75 -10.96 -0.07 31.74
C PHE B 75 -9.51 -0.48 31.53
N HIS B 76 -9.08 -0.42 30.26
CA HIS B 76 -7.77 -0.93 29.90
C HIS B 76 -6.63 -0.09 30.48
N ASP B 77 -6.91 1.13 30.93
CA ASP B 77 -5.91 1.93 31.62
C ASP B 77 -5.88 1.65 33.12
N GLY B 78 -6.66 0.70 33.61
CA GLY B 78 -6.69 0.34 35.00
C GLY B 78 -7.77 1.03 35.83
N SER B 79 -8.42 2.04 35.29
CA SER B 79 -9.45 2.76 36.04
C SER B 79 -10.74 1.94 36.10
N PRO B 80 -11.54 2.13 37.14
CA PRO B 80 -12.79 1.36 37.25
C PRO B 80 -13.85 1.87 36.30
N VAL B 81 -14.76 0.97 35.93
CA VAL B 81 -15.95 1.36 35.19
C VAL B 81 -16.98 1.86 36.19
N ARG B 82 -17.27 3.16 36.15
N ARG B 82 -17.27 3.15 36.13
CA ARG B 82 -18.23 3.78 37.04
CA ARG B 82 -18.22 3.77 37.05
C ARG B 82 -19.58 3.91 36.37
C ARG B 82 -19.56 3.97 36.36
N ALA B 83 -20.60 4.11 37.18
CA ALA B 83 -21.93 4.39 36.66
C ALA B 83 -21.91 5.66 35.80
N GLN B 84 -21.11 6.65 36.18
CA GLN B 84 -21.00 7.88 35.41
C GLN B 84 -20.44 7.62 34.02
N ASP B 85 -19.52 6.66 33.89
CA ASP B 85 -19.02 6.29 32.56
C ASP B 85 -20.11 5.63 31.73
N ALA B 86 -20.92 4.76 32.34
CA ALA B 86 -22.00 4.13 31.61
C ALA B 86 -23.04 5.16 31.18
N VAL B 87 -23.38 6.11 32.05
CA VAL B 87 -24.37 7.14 31.70
C VAL B 87 -23.89 7.94 30.50
N ALA B 88 -22.65 8.44 30.56
CA ALA B 88 -22.10 9.21 29.45
C ALA B 88 -22.07 8.38 28.17
N SER B 89 -21.74 7.09 28.29
CA SER B 89 -21.63 6.22 27.12
C SER B 89 -22.99 5.99 26.49
N ILE B 90 -24.01 5.70 27.31
CA ILE B 90 -25.35 5.46 26.78
C ILE B 90 -25.88 6.71 26.09
N LYS B 91 -25.64 7.88 26.69
N LYS B 91 -25.64 7.88 26.69
CA LYS B 91 -26.10 9.13 26.08
CA LYS B 91 -26.10 9.12 26.07
C LYS B 91 -25.46 9.35 24.71
C LYS B 91 -25.46 9.34 24.71
N ARG B 92 -24.16 9.10 24.59
CA ARG B 92 -23.50 9.27 23.30
C ARG B 92 -23.96 8.22 22.29
N TRP B 93 -23.99 6.96 22.71
CA TRP B 93 -24.43 5.87 21.83
C TRP B 93 -25.85 6.09 21.32
N SER B 94 -26.71 6.67 22.16
CA SER B 94 -28.10 6.86 21.77
C SER B 94 -28.29 7.94 20.71
N LYS B 95 -27.23 8.68 20.35
CA LYS B 95 -27.39 9.71 19.34
C LYS B 95 -27.52 9.13 17.94
N ARG B 96 -26.84 8.02 17.68
CA ARG B 96 -26.81 7.44 16.34
C ARG B 96 -27.40 6.04 16.25
N ASP B 97 -27.55 5.33 17.37
CA ASP B 97 -28.15 4.01 17.33
C ASP B 97 -29.67 4.13 17.34
N LEU B 98 -30.33 3.37 16.45
CA LEU B 98 -31.78 3.45 16.34
C LEU B 98 -32.46 3.02 17.63
N MET B 99 -31.99 1.93 18.25
N MET B 99 -32.03 1.90 18.22
CA MET B 99 -32.63 1.43 19.45
CA MET B 99 -32.65 1.43 19.45
C MET B 99 -32.32 2.31 20.66
C MET B 99 -32.36 2.38 20.61
N GLY B 100 -31.11 2.84 20.73
CA GLY B 100 -30.79 3.78 21.79
C GLY B 100 -31.53 5.10 21.66
N ARG B 101 -31.73 5.55 20.42
CA ARG B 101 -32.53 6.75 20.19
C ARG B 101 -33.95 6.54 20.68
N SER B 102 -34.54 5.39 20.40
CA SER B 102 -35.90 5.09 20.86
C SER B 102 -35.97 5.03 22.38
N LEU B 103 -34.98 4.40 23.02
CA LEU B 103 -34.95 4.34 24.47
C LEU B 103 -34.89 5.73 25.08
N MET B 104 -34.01 6.58 24.58
CA MET B 104 -33.87 7.91 25.19
C MET B 104 -35.04 8.82 24.85
N GLN B 105 -35.76 8.57 23.76
CA GLN B 105 -37.00 9.31 23.52
C GLN B 105 -38.06 8.97 24.56
N ALA B 106 -37.96 7.81 25.21
CA ALA B 106 -38.85 7.42 26.29
C ALA B 106 -38.26 7.70 27.67
N THR B 107 -37.11 8.37 27.72
CA THR B 107 -36.39 8.59 28.98
C THR B 107 -36.47 10.05 29.36
N GLU B 108 -37.02 10.33 30.55
N GLU B 108 -37.02 10.33 30.55
CA GLU B 108 -37.00 11.69 31.06
CA GLU B 108 -37.05 11.69 31.07
C GLU B 108 -35.62 12.06 31.59
C GLU B 108 -35.71 12.08 31.69
N SER B 109 -35.03 11.20 32.41
N SER B 109 -35.00 11.12 32.30
CA SER B 109 -33.70 11.45 32.95
CA SER B 109 -33.75 11.41 32.96
C SER B 109 -32.94 10.14 33.06
C SER B 109 -32.94 10.13 33.08
N LEU B 110 -31.65 10.19 32.73
CA LEU B 110 -30.73 9.08 32.91
C LEU B 110 -29.60 9.59 33.81
N THR B 111 -29.50 9.03 35.02
CA THR B 111 -28.56 9.55 36.01
C THR B 111 -27.83 8.41 36.69
N ALA B 112 -26.70 8.75 37.30
CA ALA B 112 -25.98 7.83 38.18
C ALA B 112 -26.41 8.10 39.61
N LEU B 113 -27.02 7.09 40.24
CA LEU B 113 -27.45 7.24 41.64
C LEU B 113 -26.25 7.19 42.58
N ASP B 114 -25.30 6.31 42.30
CA ASP B 114 -23.99 6.30 42.95
C ASP B 114 -23.00 5.80 41.91
N ASP B 115 -21.82 5.36 42.35
CA ASP B 115 -20.82 4.95 41.37
C ASP B 115 -21.09 3.56 40.78
N LYS B 116 -22.08 2.84 41.30
CA LYS B 116 -22.40 1.51 40.75
C LYS B 116 -23.80 1.39 40.18
N THR B 117 -24.67 2.39 40.34
CA THR B 117 -26.07 2.25 39.99
C THR B 117 -26.50 3.33 39.01
N ILE B 118 -27.12 2.90 37.91
N ILE B 118 -27.12 2.94 37.90
CA ILE B 118 -27.73 3.76 36.92
CA ILE B 118 -27.68 3.89 36.95
C ILE B 118 -29.22 3.85 37.23
C ILE B 118 -29.19 3.79 36.97
N GLN B 119 -29.85 4.93 36.76
CA GLN B 119 -31.30 5.04 36.87
C GLN B 119 -31.89 5.64 35.60
N PHE B 120 -32.84 4.92 35.01
CA PHE B 120 -33.68 5.41 33.92
C PHE B 120 -35.03 5.80 34.49
N LYS B 121 -35.33 7.09 34.52
CA LYS B 121 -36.69 7.57 34.79
C LYS B 121 -37.37 7.78 33.45
N LEU B 122 -38.35 6.95 33.14
CA LEU B 122 -38.99 6.98 31.83
C LEU B 122 -40.17 7.94 31.81
N SER B 123 -40.40 8.53 30.65
CA SER B 123 -41.60 9.33 30.41
C SER B 123 -42.76 8.50 29.89
N LYS B 124 -42.49 7.30 29.41
CA LYS B 124 -43.48 6.34 28.95
C LYS B 124 -42.85 4.95 29.01
N PRO B 125 -43.66 3.89 29.01
CA PRO B 125 -43.08 2.54 29.09
C PRO B 125 -42.13 2.28 27.93
N PHE B 126 -41.06 1.55 28.24
CA PHE B 126 -40.11 1.07 27.22
C PHE B 126 -39.64 -0.30 27.62
N PRO B 127 -40.48 -1.33 27.45
CA PRO B 127 -40.12 -2.68 27.93
C PRO B 127 -38.89 -3.26 27.27
N LEU B 128 -38.44 -2.71 26.14
CA LEU B 128 -37.25 -3.20 25.45
C LEU B 128 -35.96 -2.58 25.97
N ILE B 129 -36.00 -1.97 27.16
CA ILE B 129 -34.83 -1.24 27.66
C ILE B 129 -33.61 -2.15 27.76
N LEU B 130 -33.78 -3.36 28.28
CA LEU B 130 -32.64 -4.27 28.41
C LEU B 130 -32.19 -4.78 27.04
N HIS B 131 -33.13 -4.98 26.12
N HIS B 131 -33.13 -4.99 26.12
CA HIS B 131 -32.79 -5.31 24.74
CA HIS B 131 -32.75 -5.30 24.74
C HIS B 131 -31.94 -4.21 24.12
C HIS B 131 -31.87 -4.20 24.17
N ALA B 132 -32.27 -2.95 24.39
CA ALA B 132 -31.51 -1.82 23.88
C ALA B 132 -30.11 -1.78 24.47
N LEU B 133 -30.01 -1.89 25.79
CA LEU B 133 -28.71 -1.86 26.47
C LEU B 133 -27.91 -3.13 26.25
N GLY B 134 -28.51 -4.14 25.62
CA GLY B 134 -27.80 -5.33 25.24
C GLY B 134 -27.51 -5.42 23.75
N ARG B 135 -27.59 -4.29 23.05
CA ARG B 135 -27.29 -4.31 21.63
C ARG B 135 -25.84 -4.69 21.39
N GLN B 136 -25.63 -5.68 20.52
CA GLN B 136 -24.30 -6.23 20.28
C GLN B 136 -23.65 -5.73 19.00
N SER B 137 -24.44 -5.21 18.06
N SER B 137 -24.43 -5.24 18.04
CA SER B 137 -23.89 -4.79 16.78
CA SER B 137 -23.86 -4.73 16.81
C SER B 137 -24.82 -3.74 16.16
C SER B 137 -24.81 -3.73 16.19
N GLY B 138 -24.23 -2.76 15.49
CA GLY B 138 -24.96 -1.73 14.78
C GLY B 138 -26.05 -0.98 15.52
N ASN B 139 -25.72 -0.30 16.61
CA ASN B 139 -24.37 -0.17 17.12
C ASN B 139 -24.24 -0.81 18.49
N MET B 140 -23.12 -1.49 18.73
CA MET B 140 -22.84 -2.07 20.05
C MET B 140 -22.98 -1.01 21.13
N ALA B 141 -23.71 -1.36 22.19
CA ALA B 141 -23.93 -0.44 23.32
C ALA B 141 -22.71 -0.44 24.24
N CYS B 142 -21.59 0.00 23.70
N CYS B 142 -21.59 -0.03 23.68
CA CYS B 142 -20.30 -0.12 24.37
CA CYS B 142 -20.31 -0.07 24.38
C CYS B 142 -20.10 0.96 25.42
C CYS B 142 -20.31 0.85 25.58
N ILE B 143 -19.36 0.60 26.47
CA ILE B 143 -19.09 1.49 27.60
C ILE B 143 -17.66 1.99 27.48
N MET B 144 -17.50 3.31 27.47
CA MET B 144 -16.22 4.00 27.38
C MET B 144 -16.03 4.86 28.63
N PRO B 145 -14.79 5.25 28.94
CA PRO B 145 -14.58 6.23 30.01
C PRO B 145 -15.27 7.54 29.68
N GLU B 146 -15.74 8.23 30.73
CA GLU B 146 -16.50 9.46 30.53
C GLU B 146 -15.74 10.47 29.68
N ARG B 147 -14.41 10.53 29.81
CA ARG B 147 -13.65 11.52 29.06
C ARG B 147 -13.74 11.27 27.55
N LEU B 148 -13.93 10.02 27.12
CA LEU B 148 -14.13 9.72 25.71
C LEU B 148 -15.61 9.70 25.34
N ALA B 149 -16.47 9.19 26.24
CA ALA B 149 -17.90 9.18 25.98
C ALA B 149 -18.49 10.58 25.91
N SER B 150 -17.79 11.58 26.44
N SER B 150 -17.79 11.58 26.44
CA SER B 150 -18.27 12.96 26.37
CA SER B 150 -18.25 12.97 26.39
C SER B 150 -17.91 13.65 25.07
C SER B 150 -17.88 13.66 25.08
N GLN B 151 -17.13 13.00 24.20
CA GLN B 151 -16.79 13.61 22.93
C GLN B 151 -18.02 13.67 22.02
N PRO B 152 -18.09 14.66 21.13
CA PRO B 152 -19.26 14.77 20.24
C PRO B 152 -19.48 13.49 19.45
N GLU B 153 -20.76 13.16 19.25
CA GLU B 153 -21.10 11.91 18.57
C GLU B 153 -20.67 11.91 17.11
N THR B 154 -20.45 13.09 16.51
CA THR B 154 -20.02 13.16 15.12
C THR B 154 -18.49 13.16 14.98
N GLU B 155 -17.75 13.01 16.07
CA GLU B 155 -16.29 12.94 16.03
C GLU B 155 -15.88 11.54 16.49
N ALA B 156 -15.41 10.74 15.53
CA ALA B 156 -15.08 9.35 15.81
C ALA B 156 -13.93 9.26 16.81
N VAL B 157 -14.16 8.54 17.90
CA VAL B 157 -13.12 8.32 18.89
C VAL B 157 -12.02 7.46 18.28
N LYS B 158 -10.77 7.89 18.45
CA LYS B 158 -9.62 7.11 17.98
C LYS B 158 -8.92 6.37 19.11
N GLU B 159 -8.87 6.94 20.30
CA GLU B 159 -8.21 6.29 21.43
C GLU B 159 -9.08 5.16 21.95
N MET B 160 -8.53 3.96 21.98
CA MET B 160 -9.27 2.74 22.35
C MET B 160 -9.01 2.44 23.82
N VAL B 161 -9.94 2.86 24.68
CA VAL B 161 -9.94 2.51 26.09
C VAL B 161 -11.29 1.86 26.36
N GLY B 162 -11.34 0.53 26.31
CA GLY B 162 -12.54 -0.21 26.63
C GLY B 162 -12.38 -0.98 27.93
N SER B 163 -13.40 -1.77 28.24
CA SER B 163 -13.36 -2.67 29.38
C SER B 163 -13.51 -4.12 28.97
N GLY B 164 -13.45 -4.41 27.66
CA GLY B 164 -13.65 -5.75 27.16
C GLY B 164 -12.42 -6.62 27.29
N PRO B 165 -12.55 -7.87 26.84
CA PRO B 165 -11.53 -8.88 27.15
C PRO B 165 -10.24 -8.77 26.35
N PHE B 166 -10.14 -7.88 25.37
CA PHE B 166 -8.92 -7.64 24.63
C PHE B 166 -8.63 -6.15 24.55
N THR B 167 -7.35 -5.81 24.51
CA THR B 167 -6.90 -4.45 24.27
C THR B 167 -6.51 -4.30 22.80
N PHE B 168 -6.55 -3.05 22.34
CA PHE B 168 -6.22 -2.69 20.97
C PHE B 168 -4.77 -2.24 20.93
N ALA B 169 -3.92 -2.96 20.18
CA ALA B 169 -2.50 -2.61 20.06
C ALA B 169 -2.38 -1.55 18.96
N ALA B 170 -2.52 -0.29 19.36
CA ALA B 170 -2.61 0.81 18.39
C ALA B 170 -1.36 0.89 17.51
N ALA B 171 -0.18 0.67 18.09
CA ALA B 171 1.05 0.79 17.33
C ALA B 171 1.21 -0.30 16.28
N LYS B 172 0.45 -1.39 16.38
CA LYS B 172 0.54 -2.50 15.45
C LYS B 172 -0.53 -2.45 14.37
N TRP B 173 -1.39 -1.44 14.36
CA TRP B 173 -2.42 -1.31 13.35
C TRP B 173 -1.80 -0.79 12.05
N VAL B 174 -1.86 -1.60 11.00
CA VAL B 174 -1.33 -1.24 9.68
C VAL B 174 -2.45 -1.43 8.67
N SER B 175 -2.97 -0.34 8.12
CA SER B 175 -4.05 -0.40 7.15
C SER B 175 -3.66 -1.27 5.96
N GLY B 176 -4.57 -2.15 5.56
CA GLY B 176 -4.32 -3.08 4.47
C GLY B 176 -3.43 -4.25 4.82
N SER B 177 -3.01 -4.39 6.07
CA SER B 177 -2.07 -5.45 6.42
C SER B 177 -2.44 -6.17 7.70
N ARG B 178 -2.61 -5.44 8.80
CA ARG B 178 -2.59 -6.09 10.11
C ARG B 178 -3.39 -5.30 11.13
N VAL B 179 -4.10 -6.02 12.00
CA VAL B 179 -4.66 -5.49 13.23
C VAL B 179 -4.34 -6.48 14.34
N VAL B 180 -3.93 -5.97 15.50
CA VAL B 180 -3.49 -6.82 16.60
C VAL B 180 -4.28 -6.48 17.86
N TYR B 181 -4.82 -7.50 18.50
CA TYR B 181 -5.49 -7.38 19.79
C TYR B 181 -4.77 -8.27 20.80
N GLU B 182 -4.68 -7.81 22.03
CA GLU B 182 -3.97 -8.53 23.09
C GLU B 182 -4.90 -8.78 24.26
N LYS B 183 -4.83 -9.99 24.82
CA LYS B 183 -5.70 -10.34 25.93
C LYS B 183 -5.55 -9.35 27.07
N PHE B 184 -6.67 -8.84 27.56
CA PHE B 184 -6.69 -7.90 28.67
C PHE B 184 -6.52 -8.69 29.96
N ALA B 185 -5.32 -8.63 30.55
CA ALA B 185 -5.05 -9.40 31.76
C ALA B 185 -5.94 -8.98 32.92
N GLY B 186 -6.36 -7.73 32.93
CA GLY B 186 -7.23 -7.23 33.98
C GLY B 186 -8.71 -7.54 33.82
N TYR B 187 -9.10 -8.26 32.77
CA TYR B 187 -10.51 -8.58 32.59
C TYR B 187 -10.95 -9.64 33.58
N VAL B 188 -12.01 -9.33 34.32
CA VAL B 188 -12.65 -10.26 35.25
C VAL B 188 -13.97 -10.69 34.63
N PRO B 189 -14.09 -11.91 34.12
CA PRO B 189 -15.36 -12.35 33.53
C PRO B 189 -16.45 -12.45 34.59
N ARG B 190 -17.69 -12.32 34.16
CA ARG B 190 -18.79 -12.49 35.08
C ARG B 190 -18.90 -13.96 35.49
N LYS B 191 -19.74 -14.22 36.50
CA LYS B 191 -19.83 -15.54 37.10
C LYS B 191 -20.22 -16.60 36.06
N ASP B 192 -19.71 -17.81 36.28
CA ASP B 192 -19.93 -18.93 35.36
C ASP B 192 -21.20 -19.69 35.72
N ASP B 193 -22.31 -18.96 35.77
CA ASP B 193 -23.59 -19.57 36.11
C ASP B 193 -24.36 -20.04 34.88
N ARG B 194 -23.84 -19.81 33.68
CA ARG B 194 -24.45 -20.32 32.45
C ARG B 194 -23.36 -20.48 31.42
N LYS B 195 -23.63 -21.36 30.44
CA LYS B 195 -22.66 -21.59 29.37
C LYS B 195 -22.53 -20.34 28.51
N PRO B 196 -21.31 -19.93 28.15
CA PRO B 196 -21.15 -18.85 27.19
C PRO B 196 -21.97 -19.12 25.94
N ASP B 197 -22.74 -18.11 25.52
CA ASP B 197 -23.70 -18.28 24.44
C ASP B 197 -23.90 -16.92 23.78
N PHE B 198 -23.34 -16.76 22.57
CA PHE B 198 -23.28 -15.46 21.90
C PHE B 198 -22.53 -14.49 22.81
N ALA B 199 -23.25 -13.54 23.41
CA ALA B 199 -22.64 -12.57 24.32
C ALA B 199 -23.18 -12.69 25.73
N ALA B 200 -23.80 -13.82 26.05
CA ALA B 200 -24.31 -14.09 27.39
C ALA B 200 -23.36 -15.01 28.13
N GLY B 201 -23.37 -14.90 29.46
CA GLY B 201 -22.47 -15.69 30.27
C GLY B 201 -21.07 -15.09 30.32
N PRO B 202 -20.13 -15.81 30.91
CA PRO B 202 -18.77 -15.27 31.04
C PRO B 202 -18.10 -15.13 29.68
N LYS B 203 -17.42 -14.00 29.49
CA LYS B 203 -16.55 -13.78 28.32
C LYS B 203 -15.13 -14.10 28.74
N ILE B 204 -14.57 -15.16 28.17
CA ILE B 204 -13.23 -15.61 28.52
C ILE B 204 -12.38 -15.64 27.27
N ALA B 205 -11.24 -14.96 27.32
CA ALA B 205 -10.25 -15.03 26.25
C ALA B 205 -9.35 -16.23 26.48
N HIS B 206 -9.34 -17.15 25.51
CA HIS B 206 -8.52 -18.35 25.60
C HIS B 206 -7.28 -18.29 24.72
N VAL B 207 -7.03 -17.15 24.08
CA VAL B 207 -5.80 -16.90 23.34
C VAL B 207 -5.17 -15.62 23.88
N ASP B 208 -3.85 -15.52 23.75
CA ASP B 208 -3.14 -14.35 24.24
C ASP B 208 -3.27 -13.17 23.28
N GLU B 209 -3.41 -13.44 21.98
CA GLU B 209 -3.50 -12.38 20.99
C GLU B 209 -4.44 -12.81 19.87
N VAL B 210 -5.02 -11.82 19.21
CA VAL B 210 -5.80 -12.01 18.00
C VAL B 210 -5.16 -11.16 16.91
N HIS B 211 -4.77 -11.80 15.80
CA HIS B 211 -4.10 -11.13 14.70
C HIS B 211 -5.02 -11.16 13.49
N TRP B 212 -5.45 -9.98 13.03
CA TRP B 212 -6.16 -9.89 11.76
C TRP B 212 -5.14 -9.81 10.62
N HIS B 213 -5.24 -10.74 9.68
CA HIS B 213 -4.43 -10.74 8.47
C HIS B 213 -5.30 -10.28 7.32
N ILE B 214 -5.01 -9.09 6.80
CA ILE B 214 -5.82 -8.50 5.74
C ILE B 214 -5.38 -9.13 4.41
N ILE B 215 -6.25 -9.95 3.83
CA ILE B 215 -5.95 -10.63 2.57
C ILE B 215 -7.11 -10.41 1.61
N PRO B 216 -7.04 -9.40 0.74
CA PRO B 216 -8.18 -9.10 -0.14
C PRO B 216 -8.49 -10.20 -1.13
N ASP B 217 -7.46 -10.86 -1.68
CA ASP B 217 -7.69 -11.91 -2.66
C ASP B 217 -8.27 -13.15 -1.97
N ARG B 218 -9.48 -13.53 -2.38
CA ARG B 218 -10.17 -14.64 -1.73
C ARG B 218 -9.39 -15.94 -1.88
N ALA B 219 -8.85 -16.20 -3.06
CA ALA B 219 -8.11 -17.44 -3.29
C ALA B 219 -6.86 -17.50 -2.41
N THR B 220 -6.18 -16.36 -2.25
CA THR B 220 -4.99 -16.32 -1.40
C THR B 220 -5.35 -16.59 0.06
N ALA B 221 -6.50 -16.07 0.52
CA ALA B 221 -6.91 -16.29 1.89
C ALA B 221 -7.24 -17.76 2.15
N ILE B 222 -7.92 -18.40 1.19
CA ILE B 222 -8.25 -19.81 1.35
C ILE B 222 -7.00 -20.67 1.34
N ALA B 223 -6.06 -20.36 0.44
CA ALA B 223 -4.80 -21.09 0.41
C ALA B 223 -4.04 -20.95 1.73
N ALA B 224 -4.08 -19.74 2.32
CA ALA B 224 -3.41 -19.54 3.61
C ALA B 224 -4.05 -20.41 4.69
N LEU B 225 -5.38 -20.54 4.66
CA LEU B 225 -6.06 -21.37 5.65
C LEU B 225 -5.72 -22.85 5.45
N GLN B 226 -5.70 -23.31 4.21
CA GLN B 226 -5.34 -24.71 3.96
C GLN B 226 -3.88 -24.99 4.30
N ALA B 227 -3.02 -23.98 4.26
CA ALA B 227 -1.62 -24.12 4.61
C ALA B 227 -1.35 -23.90 6.10
N ASN B 228 -2.40 -23.75 6.91
CA ASN B 228 -2.28 -23.46 8.34
C ASN B 228 -1.46 -22.20 8.59
N GLU B 229 -1.57 -21.22 7.68
CA GLU B 229 -0.98 -19.91 7.90
C GLU B 229 -1.94 -18.93 8.57
N VAL B 230 -3.24 -19.25 8.58
CA VAL B 230 -4.23 -18.54 9.36
C VAL B 230 -5.14 -19.58 10.00
N ASP B 231 -5.92 -19.13 10.99
CA ASP B 231 -6.80 -20.02 11.74
C ASP B 231 -8.24 -19.94 11.28
N GLY B 232 -8.67 -18.83 10.71
CA GLY B 232 -10.05 -18.66 10.32
C GLY B 232 -10.19 -17.63 9.22
N VAL B 233 -11.21 -17.80 8.40
CA VAL B 233 -11.55 -16.87 7.32
C VAL B 233 -13.02 -16.48 7.48
N GLU B 234 -13.29 -15.18 7.55
CA GLU B 234 -14.62 -14.71 7.93
C GLU B 234 -15.67 -15.06 6.88
N MET B 235 -15.38 -14.76 5.62
CA MET B 235 -16.34 -14.88 4.54
C MET B 235 -15.77 -15.84 3.49
N VAL B 236 -16.42 -16.99 3.34
CA VAL B 236 -16.01 -18.00 2.35
C VAL B 236 -16.96 -17.90 1.17
N ASP B 237 -16.40 -17.65 -0.01
CA ASP B 237 -17.20 -17.63 -1.22
C ASP B 237 -17.63 -19.04 -1.60
N SER B 238 -18.77 -19.13 -2.30
CA SER B 238 -19.34 -20.44 -2.63
C SER B 238 -18.41 -21.27 -3.49
N ASP B 239 -17.52 -20.63 -4.26
CA ASP B 239 -16.62 -21.37 -5.14
C ASP B 239 -15.67 -22.26 -4.34
N PHE B 240 -15.38 -21.91 -3.09
CA PHE B 240 -14.44 -22.66 -2.26
C PHE B 240 -15.11 -23.67 -1.35
N LEU B 241 -16.44 -23.76 -1.36
CA LEU B 241 -17.11 -24.74 -0.52
C LEU B 241 -16.75 -26.19 -0.87
N PRO B 242 -16.61 -26.59 -2.14
CA PRO B 242 -16.16 -27.97 -2.41
C PRO B 242 -14.77 -28.26 -1.88
N ILE B 243 -13.80 -27.40 -2.15
CA ILE B 243 -12.42 -27.69 -1.74
C ILE B 243 -12.28 -27.68 -0.23
N LEU B 244 -13.04 -26.83 0.47
CA LEU B 244 -12.95 -26.78 1.92
C LEU B 244 -13.68 -27.95 2.58
N THR B 245 -14.77 -28.42 1.98
CA THR B 245 -15.49 -29.55 2.54
C THR B 245 -14.63 -30.81 2.51
N GLN B 246 -13.81 -30.97 1.48
CA GLN B 246 -12.98 -32.17 1.37
C GLN B 246 -11.82 -32.14 2.36
N ASP B 247 -11.31 -30.96 2.69
CA ASP B 247 -10.19 -30.83 3.62
C ASP B 247 -10.62 -31.25 5.02
N PRO B 248 -10.10 -32.34 5.57
CA PRO B 248 -10.51 -32.75 6.93
C PRO B 248 -9.99 -31.84 8.02
N ASN B 249 -9.09 -30.90 7.70
CA ASN B 249 -8.54 -29.97 8.67
C ASN B 249 -9.35 -28.68 8.78
N ILE B 250 -10.42 -28.53 8.00
CA ILE B 250 -11.19 -27.30 7.93
C ILE B 250 -12.63 -27.59 8.36
N LYS B 251 -13.17 -26.74 9.21
CA LYS B 251 -14.58 -26.78 9.62
C LYS B 251 -15.31 -25.57 9.06
N LEU B 252 -16.49 -25.80 8.49
CA LEU B 252 -17.33 -24.72 7.98
C LEU B 252 -18.36 -24.35 9.02
N VAL B 253 -18.52 -23.04 9.25
CA VAL B 253 -19.44 -22.52 10.27
C VAL B 253 -20.50 -21.69 9.57
N LYS B 254 -21.74 -22.18 9.60
CA LYS B 254 -22.87 -21.40 9.10
C LYS B 254 -23.17 -20.27 10.08
N ARG B 255 -23.10 -19.03 9.60
CA ARG B 255 -23.36 -17.89 10.46
C ARG B 255 -24.86 -17.72 10.66
N SER B 256 -25.24 -17.19 11.83
CA SER B 256 -26.64 -17.23 12.25
C SER B 256 -27.51 -16.24 11.50
N LEU B 257 -26.96 -15.09 11.13
CA LEU B 257 -27.78 -14.00 10.59
C LEU B 257 -27.60 -13.92 9.08
N PRO B 258 -28.63 -14.21 8.30
CA PRO B 258 -28.48 -14.27 6.85
C PRO B 258 -28.67 -12.92 6.17
N THR B 259 -28.39 -12.90 4.86
CA THR B 259 -28.85 -11.85 3.98
C THR B 259 -30.20 -12.26 3.42
N ILE B 260 -31.24 -11.49 3.76
CA ILE B 260 -32.56 -11.73 3.19
C ILE B 260 -32.66 -10.94 1.89
N GLY B 261 -32.80 -11.66 0.78
CA GLY B 261 -32.99 -10.99 -0.50
C GLY B 261 -34.40 -10.45 -0.62
N VAL B 262 -34.51 -9.28 -1.25
N VAL B 262 -34.52 -9.31 -1.31
CA VAL B 262 -35.80 -8.61 -1.36
CA VAL B 262 -35.77 -8.55 -1.35
C VAL B 262 -36.02 -8.13 -2.78
C VAL B 262 -36.03 -8.05 -2.75
N MET B 263 -37.26 -8.26 -3.24
CA MET B 263 -37.75 -7.58 -4.43
C MET B 263 -38.48 -6.34 -3.92
N ARG B 264 -38.02 -5.16 -4.34
CA ARG B 264 -38.55 -3.90 -3.82
C ARG B 264 -39.21 -3.13 -4.95
N PHE B 265 -40.48 -2.80 -4.77
CA PHE B 265 -41.23 -2.02 -5.75
C PHE B 265 -41.10 -0.53 -5.46
N ASN B 266 -41.26 0.26 -6.52
CA ASN B 266 -41.53 1.69 -6.38
C ASN B 266 -43.03 1.85 -6.20
N HIS B 267 -43.44 2.17 -4.97
CA HIS B 267 -44.86 2.26 -4.63
C HIS B 267 -45.51 3.57 -5.06
N LEU B 268 -44.74 4.52 -5.61
CA LEU B 268 -45.28 5.85 -5.85
C LEU B 268 -45.97 5.99 -7.20
N HIS B 269 -45.79 5.05 -8.12
CA HIS B 269 -46.32 5.19 -9.47
C HIS B 269 -46.76 3.83 -10.00
N ALA B 270 -47.42 3.86 -11.15
CA ALA B 270 -47.87 2.64 -11.79
C ALA B 270 -46.67 1.80 -12.23
N PRO B 271 -46.79 0.47 -12.20
CA PRO B 271 -47.99 -0.28 -11.80
C PRO B 271 -48.02 -0.70 -10.33
N PHE B 272 -46.93 -0.56 -9.59
CA PHE B 272 -46.85 -1.15 -8.26
C PHE B 272 -47.33 -0.22 -7.16
N ASN B 273 -47.95 0.91 -7.52
CA ASN B 273 -48.78 1.62 -6.56
C ASN B 273 -50.12 0.92 -6.33
N ASN B 274 -50.38 -0.17 -7.07
CA ASN B 274 -51.63 -0.91 -7.00
C ASN B 274 -51.40 -2.18 -6.19
N VAL B 275 -52.10 -2.30 -5.05
CA VAL B 275 -51.83 -3.41 -4.15
C VAL B 275 -52.27 -4.75 -4.74
N GLU B 276 -53.31 -4.75 -5.59
N GLU B 276 -53.31 -4.75 -5.59
CA GLU B 276 -53.72 -6.00 -6.23
CA GLU B 276 -53.72 -6.00 -6.23
C GLU B 276 -52.62 -6.52 -7.14
C GLU B 276 -52.63 -6.52 -7.15
N ILE B 277 -51.94 -5.63 -7.84
CA ILE B 277 -50.82 -6.05 -8.70
C ILE B 277 -49.68 -6.57 -7.84
N ARG B 278 -49.37 -5.88 -6.74
CA ARG B 278 -48.31 -6.35 -5.85
C ARG B 278 -48.61 -7.73 -5.29
N ARG B 279 -49.86 -7.96 -4.83
CA ARG B 279 -50.21 -9.27 -4.31
C ARG B 279 -50.19 -10.33 -5.39
N ALA B 280 -50.48 -9.96 -6.64
CA ALA B 280 -50.40 -10.92 -7.73
C ALA B 280 -48.96 -11.37 -7.97
N VAL B 281 -48.00 -10.44 -7.91
CA VAL B 281 -46.61 -10.82 -8.03
C VAL B 281 -46.19 -11.72 -6.87
N LEU B 282 -46.62 -11.37 -5.65
CA LEU B 282 -46.30 -12.21 -4.49
C LEU B 282 -46.76 -13.64 -4.71
N SER B 283 -47.90 -13.81 -5.37
CA SER B 283 -48.50 -15.14 -5.54
C SER B 283 -47.73 -16.03 -6.50
N VAL B 284 -46.73 -15.52 -7.20
CA VAL B 284 -45.94 -16.34 -8.12
C VAL B 284 -44.45 -16.31 -7.83
N VAL B 285 -44.01 -15.61 -6.77
CA VAL B 285 -42.60 -15.64 -6.40
C VAL B 285 -42.27 -17.00 -5.78
N ASN B 286 -41.28 -17.68 -6.34
CA ASN B 286 -40.85 -19.00 -5.88
C ASN B 286 -39.44 -18.85 -5.31
N GLN B 287 -39.34 -18.88 -3.97
CA GLN B 287 -38.04 -18.67 -3.33
C GLN B 287 -37.05 -19.77 -3.69
N THR B 288 -37.52 -21.00 -3.94
CA THR B 288 -36.61 -22.05 -4.39
C THR B 288 -35.94 -21.66 -5.69
N GLU B 289 -36.71 -21.08 -6.62
CA GLU B 289 -36.15 -20.64 -7.90
C GLU B 289 -35.13 -19.52 -7.70
N TYR B 290 -35.45 -18.54 -6.86
CA TYR B 290 -34.52 -17.45 -6.62
C TYR B 290 -33.25 -17.93 -5.93
N MET B 291 -33.39 -18.74 -4.88
CA MET B 291 -32.22 -19.19 -4.13
C MET B 291 -31.33 -20.08 -4.99
N THR B 292 -31.93 -20.92 -5.84
CA THR B 292 -31.12 -21.77 -6.70
C THR B 292 -30.40 -20.94 -7.75
N ALA B 293 -31.06 -19.94 -8.32
CA ALA B 293 -30.39 -19.08 -9.30
C ALA B 293 -29.28 -18.25 -8.64
N MET B 294 -29.51 -17.81 -7.40
CA MET B 294 -28.57 -16.90 -6.75
C MET B 294 -27.42 -17.64 -6.09
N ASN B 295 -27.68 -18.81 -5.52
CA ASN B 295 -26.72 -19.52 -4.70
C ASN B 295 -26.32 -20.90 -5.24
N GLY B 296 -27.04 -21.44 -6.21
CA GLY B 296 -26.81 -22.79 -6.66
C GLY B 296 -27.49 -23.81 -5.74
N ALA B 297 -27.56 -25.04 -6.23
CA ALA B 297 -28.28 -26.10 -5.56
C ALA B 297 -27.38 -27.04 -4.76
N ASP B 298 -26.06 -26.82 -4.78
CA ASP B 298 -25.15 -27.80 -4.20
C ASP B 298 -25.09 -27.72 -2.68
N PHE B 299 -25.22 -26.54 -2.09
CA PHE B 299 -25.10 -26.36 -0.64
C PHE B 299 -26.34 -25.66 -0.09
N PRO B 300 -27.50 -26.31 -0.17
CA PRO B 300 -28.73 -25.68 0.34
C PRO B 300 -28.74 -25.50 1.84
N GLU B 301 -27.80 -26.11 2.57
CA GLU B 301 -27.71 -25.87 4.00
C GLU B 301 -27.40 -24.41 4.32
N TYR B 302 -26.94 -23.64 3.33
CA TYR B 302 -26.59 -22.24 3.53
C TYR B 302 -27.63 -21.28 2.94
N TRP B 303 -28.83 -21.76 2.63
CA TRP B 303 -29.90 -20.84 2.27
C TRP B 303 -31.26 -21.42 2.64
N SER B 304 -32.26 -20.55 2.70
CA SER B 304 -33.61 -20.91 3.06
C SER B 304 -34.56 -20.43 1.98
N ASP B 305 -35.42 -21.34 1.50
CA ASP B 305 -36.53 -20.97 0.63
C ASP B 305 -37.87 -20.99 1.36
N ARG B 306 -37.83 -20.83 2.69
CA ARG B 306 -39.03 -20.63 3.50
C ARG B 306 -38.80 -19.42 4.40
N CYS B 307 -38.58 -18.27 3.75
CA CYS B 307 -38.19 -17.05 4.45
C CYS B 307 -39.35 -16.06 4.42
N GLY B 308 -39.88 -15.74 5.59
CA GLY B 308 -40.86 -14.69 5.71
C GLY B 308 -40.23 -13.36 6.06
N VAL B 309 -40.84 -12.63 7.00
CA VAL B 309 -40.40 -11.28 7.30
C VAL B 309 -39.13 -11.29 8.15
N PHE B 310 -39.03 -12.22 9.09
CA PHE B 310 -37.93 -12.25 10.04
C PHE B 310 -37.02 -13.45 9.77
N VAL B 311 -35.86 -13.44 10.40
CA VAL B 311 -34.86 -14.51 10.22
C VAL B 311 -35.51 -15.86 10.44
N PRO B 312 -35.39 -16.80 9.50
CA PRO B 312 -36.03 -18.11 9.66
C PRO B 312 -35.60 -18.81 10.94
N GLY B 313 -36.59 -19.32 11.67
CA GLY B 313 -36.34 -20.03 12.90
C GLY B 313 -36.05 -19.17 14.11
N SER B 314 -35.94 -17.86 13.95
CA SER B 314 -35.67 -16.95 15.06
C SER B 314 -36.96 -16.73 15.85
N PRO B 315 -36.87 -16.14 17.05
CA PRO B 315 -38.07 -16.07 17.92
C PRO B 315 -39.26 -15.36 17.31
N MET B 316 -39.07 -14.32 16.48
CA MET B 316 -40.20 -13.63 15.90
C MET B 316 -40.72 -14.28 14.62
N ASP B 317 -39.98 -15.24 14.05
CA ASP B 317 -40.44 -15.95 12.88
C ASP B 317 -41.69 -16.77 13.21
N SER B 318 -42.54 -16.97 12.20
CA SER B 318 -43.77 -17.73 12.36
C SER B 318 -44.21 -18.23 10.99
N ASP B 319 -45.22 -19.11 11.00
CA ASP B 319 -45.81 -19.58 9.77
C ASP B 319 -46.98 -18.72 9.30
N ALA B 320 -47.18 -17.55 9.91
CA ALA B 320 -48.37 -16.75 9.64
C ALA B 320 -48.42 -16.33 8.18
N GLY B 321 -49.48 -16.75 7.49
CA GLY B 321 -49.69 -16.41 6.09
C GLY B 321 -48.66 -16.95 5.13
N MET B 322 -47.83 -17.90 5.56
CA MET B 322 -46.72 -18.33 4.72
C MET B 322 -47.18 -19.06 3.46
N GLU B 323 -48.43 -19.51 3.40
N GLU B 323 -48.43 -19.51 3.40
CA GLU B 323 -48.95 -20.09 2.18
CA GLU B 323 -48.97 -20.08 2.19
C GLU B 323 -48.89 -19.11 1.01
C GLU B 323 -48.91 -19.11 1.02
N LYS B 324 -48.86 -17.81 1.30
CA LYS B 324 -48.73 -16.81 0.23
C LYS B 324 -47.43 -16.99 -0.53
N LEU B 325 -46.41 -17.57 0.08
CA LEU B 325 -45.15 -17.89 -0.56
C LEU B 325 -44.99 -19.36 -0.90
N THR B 326 -45.48 -20.26 -0.04
CA THR B 326 -45.22 -21.69 -0.20
C THR B 326 -46.30 -22.43 -0.97
N GLY B 327 -47.43 -21.79 -1.26
CA GLY B 327 -48.48 -22.44 -2.00
C GLY B 327 -48.20 -22.51 -3.49
N LYS B 328 -49.19 -23.02 -4.22
CA LYS B 328 -49.08 -23.12 -5.67
C LYS B 328 -48.82 -21.76 -6.29
N ARG B 329 -47.92 -21.72 -7.28
CA ARG B 329 -47.57 -20.51 -8.00
C ARG B 329 -48.38 -20.50 -9.30
N ASP B 330 -49.52 -19.82 -9.30
CA ASP B 330 -50.47 -19.87 -10.41
C ASP B 330 -50.27 -18.64 -11.30
N ILE B 331 -49.53 -18.82 -12.39
CA ILE B 331 -49.21 -17.72 -13.29
C ILE B 331 -50.47 -17.21 -13.99
N GLU B 332 -51.37 -18.12 -14.36
CA GLU B 332 -52.57 -17.72 -15.10
C GLU B 332 -53.47 -16.84 -14.24
N LYS B 333 -53.71 -17.25 -12.99
CA LYS B 333 -54.54 -16.44 -12.10
C LYS B 333 -53.87 -15.11 -11.80
N ALA B 334 -52.55 -15.10 -11.65
CA ALA B 334 -51.83 -13.85 -11.41
C ALA B 334 -51.94 -12.92 -12.61
N ARG B 335 -51.81 -13.47 -13.83
N ARG B 335 -51.77 -13.47 -13.82
CA ARG B 335 -51.93 -12.64 -15.03
CA ARG B 335 -51.94 -12.67 -15.03
C ARG B 335 -53.33 -12.03 -15.14
C ARG B 335 -53.32 -12.01 -15.06
N ALA B 336 -54.36 -12.80 -14.80
CA ALA B 336 -55.72 -12.28 -14.87
C ALA B 336 -55.95 -11.21 -13.80
N ALA B 337 -55.36 -11.41 -12.61
CA ALA B 337 -55.53 -10.41 -11.55
C ALA B 337 -54.86 -9.09 -11.92
N ILE B 338 -53.71 -9.15 -12.58
CA ILE B 338 -53.01 -7.94 -12.98
C ILE B 338 -53.81 -7.21 -14.07
N LYS B 339 -54.37 -7.96 -15.02
N LYS B 339 -54.38 -7.96 -15.01
CA LYS B 339 -55.24 -7.37 -16.03
CA LYS B 339 -55.22 -7.33 -16.02
C LYS B 339 -56.47 -6.76 -15.40
C LYS B 339 -56.50 -6.76 -15.42
N ALA B 340 -57.10 -7.49 -14.47
CA ALA B 340 -58.30 -6.98 -13.82
C ALA B 340 -58.03 -5.73 -12.99
N ALA B 341 -56.81 -5.61 -12.45
CA ALA B 341 -56.44 -4.41 -11.70
C ALA B 341 -56.25 -3.20 -12.59
N GLY B 342 -56.25 -3.36 -13.90
CA GLY B 342 -56.15 -2.25 -14.82
C GLY B 342 -54.81 -2.06 -15.50
N TYR B 343 -53.86 -2.98 -15.33
CA TYR B 343 -52.59 -2.86 -16.01
C TYR B 343 -52.80 -2.95 -17.52
N ASN B 344 -52.16 -2.06 -18.27
CA ASN B 344 -52.37 -1.98 -19.72
C ASN B 344 -51.06 -1.67 -20.43
N GLY B 345 -50.05 -2.48 -20.17
CA GLY B 345 -48.83 -2.45 -20.95
C GLY B 345 -47.86 -1.34 -20.62
N GLU B 346 -48.05 -0.63 -19.51
N GLU B 346 -48.04 -0.64 -19.50
CA GLU B 346 -47.10 0.41 -19.11
CA GLU B 346 -47.11 0.42 -19.11
C GLU B 346 -45.71 -0.18 -18.91
C GLU B 346 -45.72 -0.16 -18.88
N LYS B 347 -44.70 0.61 -19.26
CA LYS B 347 -43.32 0.14 -19.13
C LYS B 347 -42.95 -0.06 -17.67
N VAL B 348 -42.35 -1.20 -17.36
CA VAL B 348 -41.92 -1.57 -16.02
C VAL B 348 -40.40 -1.64 -16.05
N VAL B 349 -39.74 -0.74 -15.31
CA VAL B 349 -38.29 -0.64 -15.35
C VAL B 349 -37.70 -1.48 -14.22
N LEU B 350 -36.87 -2.46 -14.59
CA LEU B 350 -36.16 -3.32 -13.66
C LEU B 350 -34.69 -2.90 -13.64
N LEU B 351 -34.16 -2.60 -12.46
CA LEU B 351 -32.77 -2.20 -12.32
C LEU B 351 -31.91 -3.46 -12.17
N ASP B 352 -31.09 -3.73 -13.17
CA ASP B 352 -30.28 -4.96 -13.23
C ASP B 352 -28.82 -4.64 -12.98
N PRO B 353 -28.29 -4.95 -11.78
CA PRO B 353 -26.88 -4.66 -11.49
C PRO B 353 -25.95 -5.74 -12.01
N VAL B 354 -25.41 -5.54 -13.21
CA VAL B 354 -24.74 -6.63 -13.92
C VAL B 354 -23.41 -7.03 -13.28
N ASP B 355 -22.80 -6.15 -12.47
CA ASP B 355 -21.52 -6.47 -11.84
C ASP B 355 -21.68 -7.02 -10.42
N PHE B 356 -22.91 -7.32 -10.01
CA PHE B 356 -23.17 -7.92 -8.70
C PHE B 356 -23.87 -9.25 -8.95
N PRO B 357 -23.15 -10.37 -8.95
CA PRO B 357 -23.71 -11.62 -9.49
C PRO B 357 -25.03 -12.07 -8.87
N THR B 358 -25.17 -12.04 -7.55
N THR B 358 -25.15 -12.06 -7.54
CA THR B 358 -26.36 -12.61 -6.94
CA THR B 358 -26.37 -12.58 -6.92
C THR B 358 -27.60 -11.74 -7.19
C THR B 358 -27.57 -11.74 -7.31
N TRP B 359 -27.45 -10.42 -7.25
CA TRP B 359 -28.60 -9.56 -7.54
C TRP B 359 -28.85 -9.48 -9.04
N HIS B 360 -27.81 -9.63 -9.86
CA HIS B 360 -28.03 -9.83 -11.29
C HIS B 360 -28.87 -11.06 -11.55
N ALA B 361 -28.57 -12.17 -10.87
CA ALA B 361 -29.36 -13.39 -11.02
C ALA B 361 -30.81 -13.15 -10.61
N ALA B 362 -31.01 -12.44 -9.49
CA ALA B 362 -32.38 -12.14 -9.05
C ALA B 362 -33.10 -11.28 -10.08
N ALA B 363 -32.40 -10.34 -10.70
CA ALA B 363 -33.02 -9.51 -11.73
C ALA B 363 -33.45 -10.35 -12.94
N LEU B 364 -32.62 -11.32 -13.33
CA LEU B 364 -32.95 -12.16 -14.48
C LEU B 364 -34.14 -13.06 -14.20
N VAL B 365 -34.20 -13.66 -13.01
CA VAL B 365 -35.36 -14.46 -12.64
C VAL B 365 -36.62 -13.60 -12.71
N THR B 366 -36.54 -12.38 -12.17
CA THR B 366 -37.70 -11.50 -12.13
C THR B 366 -38.12 -11.06 -13.53
N ALA B 367 -37.14 -10.79 -14.39
CA ALA B 367 -37.48 -10.40 -15.76
C ALA B 367 -38.27 -11.49 -16.47
N ASP B 368 -37.82 -12.74 -16.33
CA ASP B 368 -38.54 -13.85 -16.94
C ASP B 368 -39.94 -14.00 -16.34
N LEU B 369 -40.03 -13.91 -15.02
CA LEU B 369 -41.32 -14.01 -14.34
C LEU B 369 -42.27 -12.91 -14.80
N PHE B 370 -41.77 -11.67 -14.89
CA PHE B 370 -42.62 -10.54 -15.23
C PHE B 370 -43.09 -10.64 -16.68
N LYS B 371 -42.24 -11.14 -17.58
CA LYS B 371 -42.68 -11.35 -18.96
C LYS B 371 -43.83 -12.34 -19.01
N ARG B 372 -43.74 -13.44 -18.25
CA ARG B 372 -44.81 -14.42 -18.23
C ARG B 372 -46.07 -13.86 -17.57
N LEU B 373 -45.92 -12.87 -16.69
CA LEU B 373 -47.08 -12.21 -16.10
C LEU B 373 -47.73 -11.19 -17.02
N GLY B 374 -47.11 -10.89 -18.16
CA GLY B 374 -47.66 -9.94 -19.11
C GLY B 374 -47.16 -8.52 -18.96
N PHE B 375 -46.14 -8.29 -18.15
CA PHE B 375 -45.59 -6.94 -18.00
C PHE B 375 -44.75 -6.56 -19.21
N ASN B 376 -44.77 -5.28 -19.53
CA ASN B 376 -43.89 -4.67 -20.52
C ASN B 376 -42.57 -4.35 -19.83
N VAL B 377 -41.63 -5.27 -19.90
CA VAL B 377 -40.41 -5.22 -19.09
C VAL B 377 -39.32 -4.45 -19.81
N ASP B 378 -38.73 -3.50 -19.11
CA ASP B 378 -37.52 -2.78 -19.55
C ASP B 378 -36.42 -3.12 -18.53
N LEU B 379 -35.62 -4.12 -18.86
CA LEU B 379 -34.53 -4.57 -18.00
C LEU B 379 -33.32 -3.71 -18.30
N GLN B 380 -33.02 -2.76 -17.41
CA GLN B 380 -31.95 -1.78 -17.63
C GLN B 380 -30.68 -2.26 -16.93
N THR B 381 -29.67 -2.57 -17.73
CA THR B 381 -28.40 -3.03 -17.20
C THR B 381 -27.52 -1.86 -16.80
N MET B 382 -26.86 -1.98 -15.66
CA MET B 382 -25.99 -0.93 -15.14
C MET B 382 -25.15 -1.52 -14.03
N ASP B 383 -24.12 -0.79 -13.63
CA ASP B 383 -23.32 -1.20 -12.47
C ASP B 383 -24.11 -1.00 -11.18
N TRP B 384 -23.75 -1.78 -10.16
CA TRP B 384 -24.42 -1.69 -8.86
C TRP B 384 -24.41 -0.26 -8.32
N GLY B 385 -23.26 0.42 -8.42
CA GLY B 385 -23.18 1.78 -7.90
C GLY B 385 -24.14 2.72 -8.60
N THR B 386 -24.35 2.53 -9.90
CA THR B 386 -25.32 3.35 -10.63
C THR B 386 -26.74 3.04 -10.18
N ALA B 387 -27.07 1.76 -10.03
CA ALA B 387 -28.43 1.40 -9.65
C ALA B 387 -28.77 1.88 -8.25
N VAL B 388 -27.79 1.96 -7.35
CA VAL B 388 -28.06 2.49 -6.01
C VAL B 388 -28.45 3.97 -6.10
N GLN B 389 -27.88 4.70 -7.06
CA GLN B 389 -28.28 6.09 -7.26
C GLN B 389 -29.63 6.18 -7.97
N ARG B 390 -29.87 5.29 -8.94
CA ARG B 390 -31.12 5.35 -9.69
C ARG B 390 -32.32 5.04 -8.80
N ARG B 391 -32.17 4.10 -7.87
CA ARG B 391 -33.31 3.66 -7.07
C ARG B 391 -33.75 4.70 -6.05
N ASN B 392 -33.01 5.79 -5.88
N ASN B 392 -33.01 5.79 -5.88
CA ASN B 392 -33.44 6.89 -5.03
CA ASN B 392 -33.43 6.89 -5.03
C ASN B 392 -34.41 7.83 -5.72
C ASN B 392 -34.39 7.84 -5.74
N ASN B 393 -34.58 7.70 -7.04
CA ASN B 393 -35.48 8.56 -7.79
C ASN B 393 -36.93 8.20 -7.47
N GLN B 394 -37.74 9.20 -7.13
CA GLN B 394 -39.14 8.99 -6.82
C GLN B 394 -40.07 9.26 -8.00
N GLU B 395 -39.52 9.63 -9.15
CA GLU B 395 -40.33 10.09 -10.29
C GLU B 395 -40.86 8.92 -11.11
N PRO B 396 -41.87 9.15 -11.95
CA PRO B 396 -42.43 8.07 -12.77
C PRO B 396 -41.43 7.58 -13.81
N VAL B 397 -41.75 6.42 -14.38
CA VAL B 397 -40.93 5.83 -15.43
C VAL B 397 -40.79 6.80 -16.61
N SER B 398 -41.85 7.54 -16.93
CA SER B 398 -41.81 8.49 -18.03
C SER B 398 -40.79 9.60 -17.80
N ALA B 399 -40.39 9.83 -16.54
CA ALA B 399 -39.38 10.83 -16.22
C ALA B 399 -38.04 10.19 -15.86
N GLY B 400 -37.80 8.96 -16.31
CA GLY B 400 -36.55 8.28 -16.05
C GLY B 400 -36.50 7.44 -14.80
N GLY B 401 -37.65 7.20 -14.16
CA GLY B 401 -37.70 6.46 -12.91
C GLY B 401 -37.65 4.95 -13.08
N TRP B 402 -37.82 4.26 -11.96
CA TRP B 402 -37.67 2.82 -11.90
C TRP B 402 -38.93 2.20 -11.29
N SER B 403 -39.08 0.89 -11.48
CA SER B 403 -40.24 0.16 -10.98
C SER B 403 -39.90 -0.91 -9.96
N VAL B 404 -38.82 -1.68 -10.19
N VAL B 404 -38.86 -1.71 -10.20
CA VAL B 404 -38.41 -2.77 -9.31
CA VAL B 404 -38.43 -2.69 -9.21
C VAL B 404 -36.90 -2.74 -9.15
C VAL B 404 -36.91 -2.67 -9.12
N ALA B 405 -36.42 -3.04 -7.94
CA ALA B 405 -35.00 -3.16 -7.67
C ALA B 405 -34.80 -4.38 -6.77
N PHE B 406 -33.55 -4.83 -6.67
CA PHE B 406 -33.22 -6.07 -5.98
C PHE B 406 -32.02 -5.83 -5.09
N THR B 407 -32.14 -6.18 -3.81
CA THR B 407 -31.02 -6.03 -2.89
C THR B 407 -31.24 -6.97 -1.72
N GLY B 408 -30.33 -6.93 -0.76
CA GLY B 408 -30.41 -7.77 0.41
C GLY B 408 -30.22 -6.97 1.69
N ASN B 409 -30.86 -7.44 2.75
CA ASN B 409 -30.73 -6.86 4.07
C ASN B 409 -30.05 -7.88 4.98
N THR B 410 -29.01 -7.45 5.66
CA THR B 410 -28.19 -8.32 6.48
C THR B 410 -28.31 -7.95 7.95
N GLY B 411 -27.83 -8.85 8.80
CA GLY B 411 -27.59 -8.53 10.19
C GLY B 411 -28.79 -8.66 11.10
N PRO B 412 -28.64 -8.18 12.34
CA PRO B 412 -29.69 -8.37 13.35
C PRO B 412 -30.95 -7.56 13.11
N ASN B 413 -30.94 -6.59 12.20
CA ASN B 413 -32.15 -5.83 11.93
C ASN B 413 -33.28 -6.72 11.43
N ASN B 414 -32.98 -7.87 10.86
CA ASN B 414 -34.01 -8.77 10.38
C ASN B 414 -34.65 -9.61 11.48
N LEU B 415 -34.20 -9.47 12.72
CA LEU B 415 -34.74 -10.27 13.81
C LEU B 415 -36.06 -9.74 14.35
N ASP B 416 -36.37 -8.46 14.16
CA ASP B 416 -37.50 -7.85 14.83
C ASP B 416 -37.82 -6.53 14.13
N PRO B 417 -38.96 -5.90 14.46
CA PRO B 417 -39.38 -4.72 13.69
C PRO B 417 -38.59 -3.44 13.95
N ALA B 418 -37.66 -3.42 14.91
CA ALA B 418 -37.03 -2.17 15.31
C ALA B 418 -36.27 -1.52 14.14
N GLY B 419 -35.26 -2.21 13.63
CA GLY B 419 -34.44 -1.70 12.53
C GLY B 419 -34.72 -2.33 11.20
N HIS B 420 -35.75 -3.16 11.10
CA HIS B 420 -36.15 -3.79 9.84
C HIS B 420 -36.48 -2.71 8.81
N LEU B 421 -35.70 -2.68 7.72
CA LEU B 421 -35.88 -1.63 6.72
C LEU B 421 -37.08 -1.88 5.80
N PRO B 422 -37.21 -3.06 5.17
CA PRO B 422 -38.24 -3.20 4.14
C PRO B 422 -39.66 -3.18 4.66
N MET B 423 -39.90 -3.55 5.92
CA MET B 423 -41.27 -3.62 6.40
C MET B 423 -41.87 -2.26 6.72
N ARG B 424 -41.05 -1.21 6.80
CA ARG B 424 -41.57 0.10 7.21
C ARG B 424 -42.56 0.64 6.20
N GLY B 425 -43.59 1.32 6.70
CA GLY B 425 -44.63 1.83 5.84
C GLY B 425 -44.89 3.33 5.98
N ASN B 426 -43.85 4.11 6.28
CA ASN B 426 -44.00 5.55 6.41
C ASN B 426 -43.68 6.31 5.12
N GLY B 427 -43.98 5.72 3.97
CA GLY B 427 -44.07 6.48 2.73
C GLY B 427 -42.74 7.06 2.29
N LYS B 428 -42.75 8.36 1.97
CA LYS B 428 -41.56 9.00 1.45
C LYS B 428 -40.45 9.15 2.50
N GLN B 429 -40.74 8.86 3.76
CA GLN B 429 -39.71 8.82 4.80
C GLN B 429 -39.15 7.42 5.01
N ALA B 430 -39.62 6.43 4.26
CA ALA B 430 -39.16 5.06 4.39
C ALA B 430 -37.96 4.79 3.49
N TRP B 431 -37.45 3.56 3.57
CA TRP B 431 -36.47 3.00 2.65
C TRP B 431 -36.91 3.20 1.20
N PHE B 432 -35.97 3.24 0.26
CA PHE B 432 -36.32 3.49 -1.14
C PHE B 432 -37.44 2.56 -1.60
N GLY B 433 -38.33 3.09 -2.43
CA GLY B 433 -39.55 2.40 -2.80
C GLY B 433 -40.76 3.03 -2.15
N TRP B 434 -40.58 3.50 -0.92
CA TRP B 434 -41.53 4.37 -0.24
C TRP B 434 -42.96 3.81 -0.12
N PRO B 435 -43.11 2.61 0.43
CA PRO B 435 -44.46 2.08 0.65
C PRO B 435 -45.16 2.81 1.78
N THR B 436 -46.48 2.90 1.67
CA THR B 436 -47.32 3.49 2.70
C THR B 436 -48.19 2.40 3.31
N SER B 437 -47.98 2.12 4.60
CA SER B 437 -48.82 1.17 5.32
C SER B 437 -48.93 1.67 6.76
N GLU B 438 -50.02 2.37 7.05
CA GLU B 438 -50.27 2.81 8.42
C GLU B 438 -50.33 1.62 9.38
N ARG B 439 -50.87 0.49 8.91
N ARG B 439 -50.89 0.50 8.92
CA ARG B 439 -51.00 -0.67 9.78
CA ARG B 439 -51.00 -0.69 9.76
C ARG B 439 -49.64 -1.25 10.16
C ARG B 439 -49.62 -1.20 10.18
N LEU B 440 -48.70 -1.31 9.22
CA LEU B 440 -47.38 -1.80 9.53
C LEU B 440 -46.65 -0.86 10.49
N GLU B 441 -46.82 0.44 10.30
CA GLU B 441 -46.21 1.40 11.22
C GLU B 441 -46.78 1.25 12.62
N GLN B 442 -48.09 1.08 12.74
CA GLN B 442 -48.70 0.94 14.07
C GLN B 442 -48.31 -0.39 14.72
N LEU B 443 -48.25 -1.47 13.93
CA LEU B 443 -47.84 -2.75 14.48
C LEU B 443 -46.41 -2.69 15.02
N ARG B 444 -45.53 -1.97 14.33
CA ARG B 444 -44.17 -1.82 14.83
C ARG B 444 -44.16 -1.11 16.18
N ILE B 445 -44.96 -0.05 16.32
CA ILE B 445 -45.07 0.64 17.61
C ILE B 445 -45.64 -0.31 18.66
N ASP B 446 -46.64 -1.12 18.28
CA ASP B 446 -47.20 -2.10 19.21
C ASP B 446 -46.13 -3.06 19.71
N TRP B 447 -45.21 -3.46 18.82
CA TRP B 447 -44.13 -4.33 19.24
C TRP B 447 -43.23 -3.67 20.27
N PHE B 448 -42.91 -2.38 20.06
CA PHE B 448 -42.13 -1.64 21.04
C PHE B 448 -42.81 -1.62 22.40
N ASN B 449 -44.15 -1.62 22.42
CA ASN B 449 -44.91 -1.51 23.65
C ASN B 449 -45.33 -2.86 24.23
N ALA B 450 -44.99 -3.95 23.57
CA ALA B 450 -45.45 -5.27 24.02
C ALA B 450 -44.79 -5.62 25.35
N PRO B 451 -45.55 -6.14 26.31
CA PRO B 451 -45.01 -6.35 27.66
C PRO B 451 -44.07 -7.55 27.80
N ASP B 452 -44.12 -8.53 26.90
CA ASP B 452 -43.32 -9.73 27.08
C ASP B 452 -43.12 -10.43 25.72
N LEU B 453 -42.34 -11.51 25.76
CA LEU B 453 -41.98 -12.22 24.53
C LEU B 453 -43.20 -12.79 23.83
N ASP B 454 -44.16 -13.33 24.59
CA ASP B 454 -45.36 -13.90 23.99
C ASP B 454 -46.13 -12.84 23.21
N ALA B 455 -46.26 -11.65 23.79
CA ALA B 455 -46.97 -10.58 23.10
C ALA B 455 -46.20 -10.10 21.88
N GLN B 456 -44.87 -10.08 21.97
CA GLN B 456 -44.05 -9.69 20.82
C GLN B 456 -44.24 -10.66 19.65
N LYS B 457 -44.25 -11.97 19.94
CA LYS B 457 -44.46 -12.96 18.90
C LYS B 457 -45.81 -12.81 18.23
N LYS B 458 -46.85 -12.55 19.03
CA LYS B 458 -48.20 -12.40 18.46
C LYS B 458 -48.25 -11.20 17.52
N ILE B 459 -47.59 -10.10 17.88
CA ILE B 459 -47.58 -8.93 17.02
C ILE B 459 -46.80 -9.21 15.74
N CYS B 460 -45.69 -9.96 15.84
CA CYS B 460 -44.91 -10.24 14.65
C CYS B 460 -45.60 -11.23 13.71
N ARG B 461 -46.51 -12.07 14.23
CA ARG B 461 -47.41 -12.81 13.35
C ARG B 461 -48.27 -11.84 12.54
N GLU B 462 -48.85 -10.84 13.21
CA GLU B 462 -49.69 -9.87 12.54
C GLU B 462 -48.88 -9.04 11.53
N ILE B 463 -47.63 -8.73 11.87
CA ILE B 463 -46.79 -7.99 10.94
C ILE B 463 -46.58 -8.79 9.66
N GLN B 464 -46.30 -10.08 9.80
CA GLN B 464 -46.09 -10.91 8.61
C GLN B 464 -47.36 -11.00 7.77
N LEU B 465 -48.51 -11.18 8.42
CA LEU B 465 -49.78 -11.15 7.70
C LEU B 465 -49.96 -9.84 6.96
N GLN B 466 -49.59 -8.72 7.59
CA GLN B 466 -49.79 -7.42 6.96
C GLN B 466 -48.78 -7.17 5.85
N VAL B 467 -47.56 -7.72 5.97
CA VAL B 467 -46.60 -7.60 4.88
C VAL B 467 -47.12 -8.33 3.65
N PHE B 468 -47.73 -9.50 3.83
CA PHE B 468 -48.29 -10.19 2.66
C PHE B 468 -49.53 -9.51 2.13
N GLU B 469 -50.26 -8.76 2.96
CA GLU B 469 -51.46 -8.07 2.51
C GLU B 469 -51.14 -6.77 1.78
N ASP B 470 -50.20 -5.99 2.31
CA ASP B 470 -49.84 -4.70 1.71
C ASP B 470 -48.64 -4.77 0.77
N VAL B 471 -47.82 -5.81 0.89
CA VAL B 471 -46.64 -6.06 0.04
C VAL B 471 -45.74 -4.84 -0.07
N PRO B 472 -45.15 -4.36 1.03
CA PRO B 472 -44.08 -3.35 0.91
C PRO B 472 -42.87 -3.87 0.17
N TYR B 473 -42.67 -5.19 0.21
CA TYR B 473 -41.60 -5.87 -0.50
C TYR B 473 -41.97 -7.34 -0.54
N ILE B 474 -41.17 -8.12 -1.27
CA ILE B 474 -41.31 -9.57 -1.28
C ILE B 474 -39.97 -10.20 -0.93
N PRO B 475 -39.89 -11.02 0.11
CA PRO B 475 -38.63 -11.73 0.39
C PRO B 475 -38.39 -12.81 -0.64
N LEU B 476 -37.13 -12.94 -1.06
CA LEU B 476 -36.75 -13.91 -2.07
C LEU B 476 -36.10 -15.15 -1.48
N GLY B 477 -35.82 -15.14 -0.19
CA GLY B 477 -35.04 -16.17 0.47
C GLY B 477 -33.97 -15.57 1.35
N ALA B 478 -33.33 -16.45 2.13
CA ALA B 478 -32.28 -16.05 3.04
C ALA B 478 -31.01 -16.80 2.68
N THR B 479 -29.90 -16.07 2.57
CA THR B 479 -28.60 -16.64 2.24
C THR B 479 -27.67 -16.46 3.44
N TYR B 480 -27.10 -17.57 3.93
CA TYR B 480 -26.29 -17.50 5.15
C TYR B 480 -24.82 -17.43 4.80
N PRO B 481 -24.09 -16.45 5.33
CA PRO B 481 -22.64 -16.42 5.14
C PRO B 481 -21.98 -17.54 5.93
N VAL B 482 -20.80 -17.93 5.47
CA VAL B 482 -20.07 -19.08 5.99
C VAL B 482 -18.66 -18.66 6.36
N SER B 483 -18.23 -18.99 7.57
CA SER B 483 -16.84 -18.86 7.98
C SER B 483 -16.17 -20.23 7.94
N ALA B 484 -14.85 -20.21 7.80
CA ALA B 484 -14.07 -21.44 7.77
C ALA B 484 -12.97 -21.36 8.82
N LEU B 485 -12.81 -22.43 9.59
CA LEU B 485 -11.82 -22.50 10.65
C LEU B 485 -10.99 -23.77 10.54
N ARG B 486 -9.76 -23.69 11.04
CA ARG B 486 -9.01 -24.92 11.30
C ARG B 486 -9.79 -25.75 12.31
N SER B 487 -9.80 -27.07 12.09
CA SER B 487 -10.75 -27.93 12.78
C SER B 487 -10.55 -27.96 14.30
N GLU B 488 -9.37 -27.57 14.80
CA GLU B 488 -9.11 -27.67 16.23
C GLU B 488 -9.80 -26.59 17.04
N TRP B 489 -10.35 -25.55 16.41
CA TRP B 489 -10.96 -24.44 17.12
C TRP B 489 -12.41 -24.77 17.46
N LYS B 490 -12.75 -24.69 18.74
CA LYS B 490 -14.06 -25.09 19.24
C LYS B 490 -14.80 -23.91 19.82
N ASP B 491 -16.14 -24.01 19.81
CA ASP B 491 -17.02 -23.04 20.46
C ASP B 491 -16.90 -21.65 19.85
N PHE B 492 -16.63 -21.59 18.54
CA PHE B 492 -16.69 -20.34 17.79
C PHE B 492 -18.15 -19.93 17.64
N GLN B 493 -18.49 -18.74 18.11
CA GLN B 493 -19.89 -18.33 18.15
C GLN B 493 -20.38 -17.95 16.76
N PRO B 494 -21.53 -18.46 16.31
CA PRO B 494 -21.98 -18.21 14.94
C PRO B 494 -22.76 -16.92 14.73
N GLN B 495 -23.22 -16.25 15.79
CA GLN B 495 -24.07 -15.07 15.62
C GLN B 495 -23.27 -13.87 15.14
N MET B 496 -22.00 -13.80 15.52
CA MET B 496 -21.14 -12.66 15.27
C MET B 496 -19.71 -13.17 15.35
N SER B 497 -18.80 -12.52 14.64
CA SER B 497 -17.40 -12.91 14.71
C SER B 497 -16.85 -12.45 16.06
N LEU B 498 -16.69 -13.39 16.99
CA LEU B 498 -16.26 -13.11 18.35
C LEU B 498 -15.03 -13.94 18.67
N PHE B 499 -14.14 -13.38 19.48
CA PHE B 499 -12.88 -14.03 19.76
C PHE B 499 -12.70 -14.39 21.23
N TYR B 500 -13.65 -14.03 22.08
CA TYR B 500 -13.79 -14.75 23.33
C TYR B 500 -14.54 -16.06 23.07
N THR B 501 -14.50 -16.95 24.07
CA THR B 501 -15.17 -18.25 24.09
C THR B 501 -14.49 -19.31 23.21
N LEU B 502 -14.01 -18.92 22.02
N LEU B 502 -13.99 -18.91 22.04
CA LEU B 502 -13.32 -19.88 21.17
CA LEU B 502 -13.31 -19.85 21.15
C LEU B 502 -12.06 -20.38 21.86
C LEU B 502 -12.00 -20.34 21.78
N HIS B 503 -11.69 -21.62 21.57
CA HIS B 503 -10.52 -22.23 22.17
C HIS B 503 -10.12 -23.46 21.36
N LYS B 504 -8.88 -23.91 21.58
CA LYS B 504 -8.40 -25.16 21.04
C LYS B 504 -7.67 -25.92 22.14
N ALA B 505 -7.39 -27.19 21.88
CA ALA B 505 -6.72 -28.05 22.85
C ALA B 505 -5.27 -27.63 23.06
#